data_6MWN
#
_entry.id   6MWN
#
_cell.length_a   74.149
_cell.length_b   100.582
_cell.length_c   236.594
_cell.angle_alpha   90.00
_cell.angle_beta   90.00
_cell.angle_gamma   90.00
#
_symmetry.space_group_name_H-M   'P 21 2 21'
#
loop_
_entity.id
_entity.type
_entity.pdbx_description
1 polymer 'HAV dV RNA (92-MER)'
2 polymer 'Fab HAVx Heavy Chain'
3 polymer 'Fab HAVx Light Chain'
4 water water
#
loop_
_entity_poly.entity_id
_entity_poly.type
_entity_poly.pdbx_seq_one_letter_code
_entity_poly.pdbx_strand_id
1 'polyribonucleotide'
;(GTP)GCAAACAUCAUUUGGCCUUAAAUGGGAUUCUGUGAGAGGGGAUCCCUCCAUUGACAGCUGGACUGUUCUUUGGGG
CCUUAUGUGGUGUUUG
;
A,B
2 'polypeptide(L)'
;MKKNIAFLLASMFVFSIATNAYAEISEVQLVESGGGLVQPGGSLRLSCAASGFSLSSSSMHWVRQAPGKGLEWVASISPY
SGSTSYADSVKGRFTISADTSKNTAYLQMNSLRAEDTAVYYCARTKYHYKNYYWWALDYWGQGTLVTVSSASTKGPSVFP
LAPSSKSTSGGTAALGCLVKDYFPEPVTVSWNSGALTSGVHTFPAVLQSSGLYSLSSVVTVPSSSLGTQTYICNVNHKPS
NTKVDKKVEPKSCDKTHT
;
C,H
3 'polypeptide(L)'
;MKKNIAFLLASMFVFSIATNAYASDIQMTQSPSSLSASVGDRVTITCRASQSVYYSVAWYQQKPGKAPKLLIYSASYLYS
GVPSRFSGSRSGTDFTLTISSLQPEDFATYYCQQYRRRPITFGQGTKVEIKRTVAAPSVFIFPPSDEQLKSGTASVVCLL
NNFYPREAKVQWKVDNALQSGNSQESVTEQDSKDSTYSLSSTLTLSKADYEKHKVYACEVTHQGLSSPVTKSFNRGEC
;
D,L
#
loop_
_chem_comp.id
_chem_comp.type
_chem_comp.name
_chem_comp.formula
A RNA linking ADENOSINE-5'-MONOPHOSPHATE 'C10 H14 N5 O7 P'
C RNA linking CYTIDINE-5'-MONOPHOSPHATE 'C9 H14 N3 O8 P'
G RNA linking GUANOSINE-5'-MONOPHOSPHATE 'C10 H14 N5 O8 P'
GTP non-polymer GUANOSINE-5'-TRIPHOSPHATE 'C10 H16 N5 O14 P3'
U RNA linking URIDINE-5'-MONOPHOSPHATE 'C9 H13 N2 O9 P'
#
# COMPACT_ATOMS: atom_id res chain seq x y z
PG GTP A 1 23.59 58.00 8.85
O1G GTP A 1 24.55 57.96 10.01
O2G GTP A 1 22.72 59.24 8.93
O3G GTP A 1 22.73 56.76 8.92
O3B GTP A 1 24.36 58.02 7.43
PB GTP A 1 25.97 58.13 7.31
O1B GTP A 1 26.36 57.82 5.89
O2B GTP A 1 26.43 59.53 7.65
O3A GTP A 1 26.53 56.99 8.33
PA GTP A 1 26.21 55.42 8.12
O1A GTP A 1 25.77 54.83 9.42
O2A GTP A 1 25.19 55.11 7.05
O5' GTP A 1 27.60 54.74 7.74
C5' GTP A 1 27.93 53.54 8.38
C4' GTP A 1 29.26 53.56 9.12
O4' GTP A 1 29.51 54.84 9.67
C3' GTP A 1 29.25 52.57 10.27
O3' GTP A 1 29.69 51.26 9.93
C2' GTP A 1 30.14 53.27 11.28
O2' GTP A 1 31.47 52.93 11.04
C1' GTP A 1 29.93 54.75 11.01
N9 GTP A 1 28.83 55.20 11.91
C8 GTP A 1 27.80 56.05 11.57
N7 GTP A 1 26.97 56.20 12.64
C5 GTP A 1 27.46 55.47 13.68
C6 GTP A 1 27.02 55.26 14.99
O6 GTP A 1 26.00 55.79 15.44
N1 GTP A 1 27.74 54.43 15.81
C2 GTP A 1 28.89 53.82 15.35
N2 GTP A 1 29.59 53.01 16.15
N3 GTP A 1 29.31 54.02 14.06
C4 GTP A 1 28.61 54.83 13.22
PG GTP B 1 -14.72 -55.15 -25.98
O1G GTP B 1 -15.86 -54.20 -25.70
O2G GTP B 1 -13.60 -54.92 -24.98
O3G GTP B 1 -15.25 -56.56 -25.83
O3B GTP B 1 -14.15 -54.92 -27.47
PB GTP B 1 -15.10 -54.79 -28.78
O1B GTP B 1 -15.84 -56.09 -28.96
O2B GTP B 1 -14.27 -54.48 -30.00
O3A GTP B 1 -16.15 -53.62 -28.42
PA GTP B 1 -15.72 -52.09 -28.15
O1A GTP B 1 -14.21 -51.98 -28.15
O2A GTP B 1 -16.28 -51.56 -26.84
O5' GTP B 1 -16.34 -51.27 -29.39
C5' GTP B 1 -17.10 -50.11 -29.14
C4' GTP B 1 -18.47 -50.25 -29.81
O4' GTP B 1 -18.89 -51.60 -29.88
C3' GTP B 1 -19.54 -49.54 -29.00
O3' GTP B 1 -19.73 -48.20 -29.39
C2' GTP B 1 -20.79 -50.37 -29.20
O2' GTP B 1 -21.60 -49.88 -30.24
C1' GTP B 1 -20.24 -51.77 -29.46
N9 GTP B 1 -20.20 -52.51 -28.18
C8 GTP B 1 -19.19 -53.36 -27.79
N7 GTP B 1 -19.48 -53.84 -26.55
C5 GTP B 1 -20.66 -53.32 -26.16
C6 GTP B 1 -21.41 -53.48 -25.01
O6 GTP B 1 -21.00 -54.24 -24.12
N1 GTP B 1 -22.62 -52.82 -24.87
C2 GTP B 1 -23.07 -51.99 -25.88
N2 GTP B 1 -24.22 -51.34 -25.79
N3 GTP B 1 -22.32 -51.84 -27.03
C4 GTP B 1 -21.13 -52.48 -27.17
N GLU C 27 6.20 -5.67 9.92
CA GLU C 27 4.91 -6.02 10.49
C GLU C 27 4.67 -7.52 10.33
N VAL C 28 4.87 -8.03 9.13
CA VAL C 28 4.59 -9.44 8.81
C VAL C 28 5.77 -10.28 9.29
N GLN C 29 5.56 -11.07 10.36
CA GLN C 29 6.63 -11.92 10.87
C GLN C 29 6.03 -13.16 11.54
N LEU C 30 6.88 -14.19 11.70
CA LEU C 30 6.52 -15.44 12.38
C LEU C 30 7.65 -15.81 13.34
N VAL C 31 7.27 -16.18 14.56
CA VAL C 31 8.23 -16.38 15.65
C VAL C 31 8.01 -17.78 16.19
N GLU C 32 8.85 -18.72 15.75
CA GLU C 32 8.79 -20.04 16.37
C GLU C 32 9.29 -19.98 17.80
N SER C 33 8.71 -20.82 18.63
CA SER C 33 9.18 -21.05 19.99
C SER C 33 8.71 -22.43 20.41
N GLY C 34 9.35 -22.96 21.43
CA GLY C 34 8.99 -24.25 21.97
C GLY C 34 9.93 -25.38 21.62
N GLY C 35 10.92 -25.13 20.77
CA GLY C 35 11.88 -26.17 20.44
C GLY C 35 12.73 -26.57 21.63
N GLY C 36 13.72 -27.41 21.35
CA GLY C 36 14.65 -27.83 22.36
C GLY C 36 14.85 -29.34 22.33
N LEU C 37 15.43 -29.85 23.42
CA LEU C 37 15.78 -31.26 23.56
C LEU C 37 14.65 -32.04 24.22
N VAL C 38 14.42 -33.26 23.75
CA VAL C 38 13.40 -34.14 24.31
C VAL C 38 13.87 -35.59 24.15
N GLN C 39 13.61 -36.41 25.18
CA GLN C 39 13.92 -37.83 25.13
C GLN C 39 12.90 -38.55 24.24
N PRO C 40 13.25 -39.72 23.69
CA PRO C 40 12.31 -40.43 22.83
C PRO C 40 11.10 -40.93 23.61
N GLY C 41 9.93 -40.71 23.05
CA GLY C 41 8.67 -41.02 23.68
C GLY C 41 7.96 -39.82 24.29
N GLY C 42 8.64 -38.69 24.44
CA GLY C 42 8.06 -37.52 25.07
C GLY C 42 7.30 -36.62 24.10
N SER C 43 6.80 -35.52 24.65
CA SER C 43 6.00 -34.55 23.91
C SER C 43 6.67 -33.18 23.88
N LEU C 44 6.19 -32.35 22.95
CA LEU C 44 6.64 -30.97 22.77
C LEU C 44 5.55 -30.19 22.05
N ARG C 45 5.37 -28.93 22.44
CA ARG C 45 4.34 -28.09 21.83
C ARG C 45 4.97 -26.81 21.30
N LEU C 46 5.41 -26.87 20.04
CA LEU C 46 5.88 -25.69 19.32
C LEU C 46 4.74 -24.72 19.04
N SER C 47 5.06 -23.44 19.05
CA SER C 47 4.07 -22.41 18.69
C SER C 47 4.74 -21.37 17.81
N CYS C 48 3.91 -20.81 16.93
CA CYS C 48 4.33 -19.80 15.98
C CYS C 48 3.41 -18.60 16.17
N ALA C 49 4.00 -17.48 16.55
CA ALA C 49 3.23 -16.27 16.82
C ALA C 49 3.35 -15.30 15.65
N ALA C 50 2.21 -15.03 15.00
CA ALA C 50 2.15 -14.25 13.79
C ALA C 50 1.76 -12.79 14.04
N SER C 51 2.28 -11.90 13.21
CA SER C 51 1.99 -10.47 13.25
C SER C 51 1.76 -9.97 11.85
N GLY C 52 1.00 -8.90 11.73
CA GLY C 52 0.85 -8.24 10.46
C GLY C 52 -0.10 -8.90 9.49
N PHE C 53 -0.76 -9.97 9.87
CA PHE C 53 -1.82 -10.56 9.06
C PHE C 53 -2.72 -11.41 9.94
N SER C 54 -3.98 -11.54 9.52
CA SER C 54 -4.94 -12.36 10.24
C SER C 54 -4.79 -13.84 9.85
N LEU C 55 -4.74 -14.73 10.86
CA LEU C 55 -4.65 -16.15 10.57
C LEU C 55 -5.85 -16.63 9.74
N SER C 56 -7.03 -16.09 10.02
CA SER C 56 -8.23 -16.50 9.30
C SER C 56 -8.13 -16.25 7.81
N SER C 57 -7.18 -15.41 7.37
CA SER C 57 -6.94 -15.18 5.94
C SER C 57 -5.58 -15.74 5.54
N SER C 58 -5.27 -16.91 6.06
CA SER C 58 -4.12 -17.64 5.56
C SER C 58 -4.28 -19.10 5.95
N SER C 59 -3.38 -19.92 5.43
CA SER C 59 -3.19 -21.26 5.91
C SER C 59 -1.77 -21.37 6.45
N MET C 60 -1.63 -21.94 7.64
CA MET C 60 -0.37 -22.06 8.34
C MET C 60 0.18 -23.46 8.21
N HIS C 61 1.51 -23.57 8.11
CA HIS C 61 2.10 -24.86 7.82
C HIS C 61 3.36 -25.06 8.63
N TRP C 62 3.61 -26.28 9.07
CA TRP C 62 4.89 -26.64 9.67
C TRP C 62 5.67 -27.50 8.69
N VAL C 63 6.91 -27.11 8.41
CA VAL C 63 7.81 -27.81 7.51
C VAL C 63 9.15 -28.00 8.22
N ARG C 64 9.64 -29.23 8.27
CA ARG C 64 10.89 -29.50 8.95
C ARG C 64 12.00 -29.79 7.96
N GLN C 65 13.24 -29.66 8.47
CA GLN C 65 14.45 -29.89 7.69
C GLN C 65 15.37 -30.79 8.51
N ALA C 66 15.33 -32.08 8.22
CA ALA C 66 16.26 -32.99 8.86
C ALA C 66 17.69 -32.54 8.55
N PRO C 67 18.60 -32.57 9.53
CA PRO C 67 19.93 -32.01 9.29
C PRO C 67 20.62 -32.70 8.12
N GLY C 68 20.86 -31.96 7.05
CA GLY C 68 21.42 -32.56 5.85
C GLY C 68 20.36 -32.84 4.81
N LYS C 69 19.22 -33.37 5.21
CA LYS C 69 18.15 -33.63 4.26
C LYS C 69 17.57 -32.30 3.75
N GLY C 70 16.59 -32.41 2.86
CA GLY C 70 15.91 -31.25 2.35
C GLY C 70 14.75 -30.87 3.22
N LEU C 71 13.61 -30.56 2.58
CA LEU C 71 12.46 -30.03 3.28
C LEU C 71 11.34 -31.05 3.22
N GLU C 72 10.74 -31.34 4.38
CA GLU C 72 9.62 -32.24 4.50
C GLU C 72 8.44 -31.49 5.11
N TRP C 73 7.39 -31.30 4.32
CA TRP C 73 6.14 -30.79 4.88
C TRP C 73 5.63 -31.74 5.96
N VAL C 74 5.10 -31.17 7.04
CA VAL C 74 4.67 -31.91 8.23
C VAL C 74 3.16 -31.82 8.45
N ALA C 75 2.65 -30.60 8.58
CA ALA C 75 1.22 -30.43 8.85
C ALA C 75 0.74 -29.10 8.28
N SER C 76 -0.58 -28.98 8.12
CA SER C 76 -1.18 -27.74 7.63
C SER C 76 -2.50 -27.51 8.34
N ILE C 77 -2.98 -26.27 8.32
CA ILE C 77 -4.27 -25.90 8.89
C ILE C 77 -4.79 -24.63 8.23
N SER C 78 -6.09 -24.61 7.93
CA SER C 78 -6.78 -23.41 7.48
C SER C 78 -7.67 -22.94 8.62
N PRO C 79 -7.21 -22.00 9.44
CA PRO C 79 -8.03 -21.55 10.59
C PRO C 79 -9.40 -21.01 10.22
N TYR C 80 -9.62 -20.54 9.00
CA TYR C 80 -10.96 -20.13 8.58
C TYR C 80 -11.96 -21.27 8.74
N SER C 81 -11.56 -22.48 8.36
CA SER C 81 -12.45 -23.64 8.41
C SER C 81 -12.14 -24.62 9.54
N GLY C 82 -10.93 -24.62 10.08
CA GLY C 82 -10.54 -25.62 11.03
C GLY C 82 -10.02 -26.87 10.39
N SER C 83 -9.93 -26.92 9.06
CA SER C 83 -9.50 -28.12 8.37
C SER C 83 -8.00 -28.34 8.50
N THR C 84 -7.60 -29.60 8.69
CA THR C 84 -6.21 -29.96 8.90
C THR C 84 -5.81 -31.13 8.00
N SER C 85 -4.51 -31.22 7.70
CA SER C 85 -3.96 -32.36 6.97
C SER C 85 -2.57 -32.65 7.50
N TYR C 86 -2.21 -33.94 7.47
CA TYR C 86 -0.95 -34.36 8.06
C TYR C 86 -0.20 -35.24 7.09
N ALA C 87 1.11 -35.11 7.11
CA ALA C 87 1.99 -36.06 6.46
C ALA C 87 1.78 -37.46 7.05
N ASP C 88 1.85 -38.48 6.20
CA ASP C 88 1.70 -39.83 6.71
C ASP C 88 2.78 -40.16 7.72
N SER C 89 3.82 -39.34 7.81
CA SER C 89 4.90 -39.62 8.73
C SER C 89 4.67 -39.09 10.12
N VAL C 90 3.58 -38.35 10.37
CA VAL C 90 3.29 -37.86 11.70
C VAL C 90 1.83 -38.11 12.12
N LYS C 91 0.99 -38.55 11.18
CA LYS C 91 -0.44 -38.76 11.42
C LYS C 91 -0.69 -39.53 12.72
N GLY C 92 -1.44 -38.92 13.64
CA GLY C 92 -1.80 -39.56 14.88
C GLY C 92 -0.79 -39.40 16.00
N ARG C 93 0.41 -38.91 15.68
CA ARG C 93 1.41 -38.51 16.66
C ARG C 93 1.45 -37.00 16.84
N PHE C 94 1.09 -36.25 15.82
CA PHE C 94 1.11 -34.79 15.86
C PHE C 94 -0.30 -34.28 15.72
N THR C 95 -0.51 -33.07 16.24
CA THR C 95 -1.81 -32.41 16.10
C THR C 95 -1.57 -30.92 15.96
N ILE C 96 -1.78 -30.41 14.76
CA ILE C 96 -1.74 -28.99 14.49
C ILE C 96 -3.05 -28.31 14.94
N SER C 97 -2.97 -27.01 15.28
CA SER C 97 -4.14 -26.25 15.72
C SER C 97 -3.84 -24.76 15.69
N ALA C 98 -4.87 -23.96 15.96
CA ALA C 98 -4.71 -22.51 16.03
C ALA C 98 -5.78 -21.93 16.93
N ASP C 99 -5.40 -20.96 17.78
CA ASP C 99 -6.34 -20.11 18.50
C ASP C 99 -6.31 -18.74 17.83
N THR C 100 -7.40 -18.40 17.13
CA THR C 100 -7.41 -17.17 16.35
C THR C 100 -7.38 -15.92 17.22
N SER C 101 -7.68 -16.02 18.51
CA SER C 101 -7.59 -14.82 19.35
C SER C 101 -6.14 -14.48 19.64
N LYS C 102 -5.32 -15.47 20.00
CA LYS C 102 -3.90 -15.22 20.14
C LYS C 102 -3.22 -14.98 18.81
N ASN C 103 -3.90 -15.22 17.69
CA ASN C 103 -3.29 -15.16 16.36
C ASN C 103 -1.98 -15.94 16.33
N THR C 104 -1.97 -17.11 16.95
CA THR C 104 -0.83 -18.00 16.87
C THR C 104 -1.30 -19.41 16.55
N ALA C 105 -0.35 -20.25 16.11
CA ALA C 105 -0.60 -21.65 15.75
C ALA C 105 0.40 -22.56 16.47
N TYR C 106 0.00 -23.83 16.61
CA TYR C 106 0.65 -24.76 17.51
C TYR C 106 0.88 -26.09 16.80
N LEU C 107 1.87 -26.84 17.31
CA LEU C 107 2.18 -28.18 16.80
C LEU C 107 2.47 -29.06 18.00
N GLN C 108 1.50 -29.88 18.40
CA GLN C 108 1.73 -30.87 19.44
C GLN C 108 2.48 -32.06 18.86
N MET C 109 3.59 -32.44 19.48
CA MET C 109 4.37 -33.57 19.02
C MET C 109 4.40 -34.63 20.12
N ASN C 110 3.74 -35.76 19.88
CA ASN C 110 3.70 -36.88 20.81
C ASN C 110 4.48 -38.07 20.26
N SER C 111 4.93 -38.93 21.18
CA SER C 111 5.58 -40.20 20.84
C SER C 111 6.82 -39.96 20.00
N LEU C 112 7.63 -38.96 20.35
CA LEU C 112 8.68 -38.54 19.43
C LEU C 112 9.77 -39.59 19.29
N ARG C 113 10.39 -39.60 18.11
CA ARG C 113 11.47 -40.52 17.77
C ARG C 113 12.72 -39.74 17.41
N ALA C 114 13.85 -40.45 17.39
CA ALA C 114 15.10 -39.83 16.98
C ALA C 114 15.00 -39.28 15.56
N GLU C 115 14.40 -40.04 14.67
CA GLU C 115 14.26 -39.61 13.28
C GLU C 115 13.30 -38.38 13.12
N ASP C 116 12.88 -37.75 14.21
CA ASP C 116 12.16 -36.48 14.19
C ASP C 116 13.08 -35.29 14.43
N THR C 117 14.37 -35.52 14.70
CA THR C 117 15.29 -34.42 14.93
C THR C 117 15.44 -33.57 13.68
N ALA C 118 15.17 -32.28 13.80
CA ALA C 118 15.18 -31.40 12.63
C ALA C 118 14.95 -29.97 13.07
N VAL C 119 15.20 -29.04 12.15
CA VAL C 119 14.70 -27.69 12.31
C VAL C 119 13.25 -27.65 11.83
N TYR C 120 12.38 -27.00 12.60
CA TYR C 120 10.95 -26.95 12.33
C TYR C 120 10.57 -25.50 12.05
N TYR C 121 10.31 -25.20 10.78
CA TYR C 121 9.81 -23.90 10.36
C TYR C 121 8.28 -23.90 10.34
N CYS C 122 7.68 -22.77 10.71
CA CYS C 122 6.30 -22.53 10.33
C CYS C 122 6.27 -21.52 9.19
N ALA C 123 5.28 -21.69 8.30
CA ALA C 123 5.18 -20.87 7.12
C ALA C 123 3.73 -20.45 6.91
N ARG C 124 3.56 -19.38 6.15
CA ARG C 124 2.26 -18.85 5.78
C ARG C 124 2.04 -18.97 4.27
N THR C 125 0.81 -19.32 3.89
CA THR C 125 0.30 -19.10 2.54
C THR C 125 -0.84 -18.08 2.64
N LYS C 126 -0.68 -16.94 1.97
CA LYS C 126 -1.72 -15.92 1.96
C LYS C 126 -2.97 -16.46 1.27
N TYR C 127 -4.13 -16.26 1.89
CA TYR C 127 -5.39 -16.63 1.27
C TYR C 127 -5.70 -15.70 0.10
N HIS C 128 -6.37 -16.24 -0.92
CA HIS C 128 -6.90 -15.42 -1.99
C HIS C 128 -8.25 -15.96 -2.45
N TYR C 129 -9.25 -15.06 -2.55
CA TYR C 129 -10.60 -15.51 -2.90
C TYR C 129 -10.67 -16.08 -4.32
N LYS C 130 -9.83 -15.61 -5.23
CA LYS C 130 -9.91 -16.10 -6.59
C LYS C 130 -9.40 -17.53 -6.74
N ASN C 131 -8.86 -18.14 -5.70
CA ASN C 131 -8.17 -19.41 -5.90
C ASN C 131 -9.13 -20.59 -5.85
N TYR C 132 -8.58 -21.77 -6.18
CA TYR C 132 -9.33 -23.02 -6.05
C TYR C 132 -8.54 -24.10 -5.33
N TYR C 133 -7.29 -23.81 -4.97
CA TYR C 133 -6.51 -24.52 -3.96
C TYR C 133 -5.39 -23.57 -3.53
N TRP C 134 -4.64 -23.97 -2.51
CA TRP C 134 -3.67 -23.05 -1.91
C TRP C 134 -2.39 -22.96 -2.75
N TRP C 135 -1.77 -21.78 -2.71
CA TRP C 135 -0.56 -21.55 -3.51
C TRP C 135 0.67 -21.85 -2.67
N ALA C 136 1.83 -21.34 -3.09
CA ALA C 136 3.12 -21.60 -2.45
C ALA C 136 3.17 -21.00 -1.05
N LEU C 137 4.25 -21.31 -0.32
CA LEU C 137 4.47 -20.83 1.05
C LEU C 137 5.24 -19.52 1.00
N ASP C 138 4.58 -18.40 1.29
CA ASP C 138 5.14 -17.12 0.89
C ASP C 138 5.86 -16.38 2.01
N TYR C 139 6.02 -16.98 3.19
CA TYR C 139 6.84 -16.40 4.24
C TYR C 139 7.16 -17.46 5.29
N TRP C 140 8.43 -17.57 5.67
CA TRP C 140 8.83 -18.59 6.62
C TRP C 140 9.45 -17.95 7.85
N GLY C 141 9.09 -18.48 9.03
CA GLY C 141 9.76 -18.10 10.24
C GLY C 141 11.18 -18.63 10.28
N GLN C 142 11.97 -18.09 11.19
CA GLN C 142 13.38 -18.47 11.22
C GLN C 142 13.59 -19.92 11.64
N GLY C 143 12.63 -20.52 12.34
CA GLY C 143 12.67 -21.92 12.68
C GLY C 143 13.19 -22.17 14.09
N THR C 144 12.87 -23.35 14.60
CA THR C 144 13.40 -23.83 15.87
C THR C 144 13.90 -25.25 15.76
N LEU C 145 14.93 -25.55 16.55
CA LEU C 145 15.60 -26.84 16.51
C LEU C 145 14.98 -27.78 17.53
N VAL C 146 14.56 -28.95 17.06
CA VAL C 146 14.01 -29.98 17.93
C VAL C 146 14.89 -31.23 17.78
N THR C 147 15.65 -31.57 18.83
CA THR C 147 16.51 -32.75 18.81
C THR C 147 15.97 -33.78 19.79
N VAL C 148 15.78 -35.02 19.31
CA VAL C 148 15.19 -36.09 20.11
C VAL C 148 16.30 -37.12 20.35
N SER C 149 16.86 -37.11 21.56
CA SER C 149 18.02 -37.93 21.91
C SER C 149 17.95 -38.32 23.39
N SER C 150 18.82 -39.26 23.79
CA SER C 150 18.91 -39.70 25.17
C SER C 150 19.94 -38.96 26.00
N ALA C 151 20.78 -38.12 25.40
CA ALA C 151 21.75 -37.36 26.17
C ALA C 151 21.09 -36.17 26.85
N SER C 152 21.80 -35.59 27.82
CA SER C 152 21.24 -34.50 28.60
C SER C 152 22.05 -33.22 28.38
N THR C 153 21.39 -32.09 28.62
CA THR C 153 22.00 -30.78 28.36
C THR C 153 22.98 -30.39 29.46
N LYS C 154 24.21 -30.09 29.06
CA LYS C 154 25.17 -29.45 29.95
C LYS C 154 25.78 -28.30 29.17
N GLY C 155 25.88 -27.14 29.81
CA GLY C 155 26.42 -25.97 29.17
C GLY C 155 27.90 -26.07 28.88
N PRO C 156 28.35 -25.25 27.94
CA PRO C 156 29.74 -25.34 27.46
C PRO C 156 30.72 -24.57 28.32
N SER C 157 31.99 -24.74 27.97
CA SER C 157 33.08 -23.94 28.49
C SER C 157 33.54 -22.98 27.39
N VAL C 158 34.07 -21.83 27.80
CA VAL C 158 34.51 -20.79 26.87
C VAL C 158 35.89 -20.31 27.29
N PHE C 159 36.82 -20.31 26.33
CA PHE C 159 38.20 -19.92 26.52
C PHE C 159 38.56 -18.79 25.56
N PRO C 160 39.51 -17.93 25.93
CA PRO C 160 39.97 -16.91 24.97
C PRO C 160 40.95 -17.53 24.00
N LEU C 161 40.90 -17.06 22.76
CA LEU C 161 41.91 -17.37 21.75
C LEU C 161 42.50 -16.02 21.36
N ALA C 162 43.66 -15.70 21.91
CA ALA C 162 44.20 -14.36 21.84
C ALA C 162 45.36 -14.31 20.86
N PRO C 163 45.67 -13.14 20.31
CA PRO C 163 46.77 -13.06 19.35
C PRO C 163 48.07 -13.58 19.94
N SER C 164 49.01 -13.92 19.07
CA SER C 164 50.33 -14.34 19.50
C SER C 164 51.35 -13.22 19.42
N SER C 165 51.03 -12.12 18.73
CA SER C 165 51.91 -10.97 18.57
C SER C 165 53.17 -11.35 17.79
N LYS C 166 52.96 -12.03 16.65
CA LYS C 166 54.04 -12.45 15.77
C LYS C 166 54.34 -11.42 14.69
N SER C 167 53.31 -10.83 14.09
CA SER C 167 53.48 -10.00 12.89
C SER C 167 53.75 -8.54 13.23
N THR C 168 54.63 -7.94 12.43
CA THR C 168 54.97 -6.52 12.44
C THR C 168 54.06 -5.80 11.43
N SER C 169 54.45 -4.60 11.01
CA SER C 169 53.62 -3.65 10.27
C SER C 169 52.95 -4.19 9.00
N GLY C 170 53.30 -5.40 8.55
CA GLY C 170 52.66 -5.95 7.37
C GLY C 170 51.26 -6.49 7.58
N GLY C 171 50.98 -7.07 8.75
CA GLY C 171 49.74 -7.78 8.99
C GLY C 171 48.84 -7.18 10.05
N THR C 172 47.60 -7.66 10.07
CA THR C 172 46.61 -7.44 11.12
C THR C 172 46.48 -8.70 11.97
N ALA C 173 45.91 -8.57 13.16
CA ALA C 173 45.88 -9.67 14.11
C ALA C 173 44.48 -10.25 14.25
N ALA C 174 44.42 -11.49 14.77
CA ALA C 174 43.19 -12.25 14.90
C ALA C 174 43.01 -12.73 16.34
N LEU C 175 41.78 -12.64 16.84
CA LEU C 175 41.46 -13.11 18.19
C LEU C 175 40.13 -13.84 18.16
N GLY C 176 39.81 -14.53 19.25
CA GLY C 176 38.63 -15.37 19.20
C GLY C 176 38.28 -16.01 20.53
N CYS C 177 37.20 -16.78 20.50
CA CYS C 177 36.68 -17.58 21.60
C CYS C 177 36.45 -19.02 21.14
N LEU C 178 36.69 -19.97 22.03
CA LEU C 178 36.47 -21.39 21.78
C LEU C 178 35.38 -21.91 22.72
N VAL C 179 34.35 -22.55 22.16
CA VAL C 179 33.20 -23.02 22.93
C VAL C 179 33.16 -24.55 22.86
N LYS C 180 33.59 -25.21 23.93
CA LYS C 180 33.88 -26.63 23.92
C LYS C 180 32.94 -27.40 24.84
N ASP C 181 32.68 -28.66 24.47
CA ASP C 181 32.05 -29.67 25.33
C ASP C 181 30.65 -29.23 25.79
N TYR C 182 29.74 -29.13 24.82
CA TYR C 182 28.37 -28.79 25.12
C TYR C 182 27.40 -29.68 24.33
N PHE C 183 26.13 -29.63 24.75
CA PHE C 183 25.01 -30.38 24.19
C PHE C 183 23.71 -29.84 24.79
N PRO C 184 22.61 -29.69 24.01
CA PRO C 184 22.51 -30.05 22.60
C PRO C 184 22.74 -28.85 21.72
N GLU C 185 22.72 -29.04 20.42
CA GLU C 185 22.63 -27.88 19.56
C GLU C 185 21.28 -27.21 19.78
N PRO C 186 21.18 -25.89 19.55
CA PRO C 186 22.18 -24.99 18.99
C PRO C 186 22.88 -24.12 20.00
N VAL C 187 23.80 -23.30 19.51
CA VAL C 187 24.55 -22.32 20.27
C VAL C 187 24.55 -21.02 19.50
N THR C 188 24.62 -19.89 20.21
CA THR C 188 24.70 -18.58 19.58
C THR C 188 25.87 -17.80 20.18
N VAL C 189 26.60 -17.10 19.31
CA VAL C 189 27.77 -16.31 19.66
C VAL C 189 27.60 -14.90 19.11
N SER C 190 27.97 -13.90 19.92
CA SER C 190 28.05 -12.51 19.49
C SER C 190 29.36 -11.88 19.94
N TRP C 191 29.62 -10.66 19.46
CA TRP C 191 30.81 -9.92 19.83
C TRP C 191 30.44 -8.47 20.14
N ASN C 192 31.03 -7.92 21.22
CA ASN C 192 30.68 -6.61 21.75
C ASN C 192 29.18 -6.40 21.80
N SER C 193 28.43 -7.45 22.14
CA SER C 193 26.97 -7.41 22.22
C SER C 193 26.38 -7.10 20.85
N GLY C 194 27.11 -7.45 19.79
CA GLY C 194 26.72 -7.10 18.43
C GLY C 194 27.31 -5.84 17.86
N ALA C 195 28.25 -5.18 18.55
CA ALA C 195 28.83 -3.95 18.03
C ALA C 195 29.97 -4.17 17.03
N LEU C 196 30.57 -5.36 16.99
CA LEU C 196 31.66 -5.67 16.07
C LEU C 196 31.27 -6.85 15.19
N THR C 197 31.18 -6.61 13.88
CA THR C 197 30.75 -7.66 12.95
C THR C 197 31.69 -7.84 11.77
N SER C 198 32.29 -6.74 11.29
CA SER C 198 33.13 -6.81 10.11
C SER C 198 34.33 -7.70 10.37
N GLY C 199 34.43 -8.78 9.59
CA GLY C 199 35.56 -9.69 9.69
C GLY C 199 35.37 -10.86 10.62
N VAL C 200 34.12 -11.27 10.88
CA VAL C 200 33.82 -12.22 11.95
C VAL C 200 33.28 -13.51 11.33
N HIS C 201 33.83 -14.63 11.78
CA HIS C 201 33.43 -15.96 11.34
C HIS C 201 33.17 -16.82 12.57
N THR C 202 31.93 -17.30 12.71
CA THR C 202 31.59 -18.32 13.70
C THR C 202 31.47 -19.65 12.99
N PHE C 203 32.31 -20.60 13.35
CA PHE C 203 32.35 -21.84 12.59
C PHE C 203 31.22 -22.79 13.00
N PRO C 204 30.82 -23.67 12.09
CA PRO C 204 29.93 -24.77 12.49
C PRO C 204 30.61 -25.65 13.52
N ALA C 205 29.85 -26.00 14.56
CA ALA C 205 30.36 -26.94 15.55
C ALA C 205 30.60 -28.29 14.90
N VAL C 206 31.60 -29.01 15.39
CA VAL C 206 31.84 -30.38 14.98
C VAL C 206 31.66 -31.25 16.22
N LEU C 207 31.05 -32.42 16.03
CA LEU C 207 30.80 -33.35 17.13
C LEU C 207 32.11 -34.04 17.50
N GLN C 208 32.46 -33.96 18.79
CA GLN C 208 33.75 -34.46 19.26
C GLN C 208 33.66 -35.93 19.66
N SER C 209 34.84 -36.51 19.93
CA SER C 209 34.90 -37.92 20.34
C SER C 209 34.03 -38.20 21.55
N SER C 210 33.80 -37.20 22.41
CA SER C 210 32.97 -37.36 23.59
C SER C 210 31.46 -37.29 23.30
N GLY C 211 31.07 -37.21 22.04
CA GLY C 211 29.67 -36.96 21.76
C GLY C 211 29.23 -35.57 22.21
N LEU C 212 30.16 -34.63 22.27
CA LEU C 212 29.88 -33.26 22.60
C LEU C 212 30.32 -32.40 21.43
N TYR C 213 29.69 -31.24 21.31
CA TYR C 213 29.96 -30.31 20.23
C TYR C 213 31.03 -29.31 20.67
N SER C 214 31.68 -28.70 19.68
CA SER C 214 32.68 -27.69 20.00
C SER C 214 32.84 -26.78 18.79
N LEU C 215 32.79 -25.48 19.01
CA LEU C 215 32.89 -24.53 17.93
C LEU C 215 33.74 -23.35 18.36
N SER C 216 34.14 -22.58 17.37
CA SER C 216 34.96 -21.40 17.57
C SER C 216 34.34 -20.24 16.82
N SER C 217 34.53 -19.03 17.37
CA SER C 217 34.20 -17.78 16.71
C SER C 217 35.41 -16.86 16.76
N VAL C 218 35.72 -16.23 15.63
CA VAL C 218 36.90 -15.38 15.53
C VAL C 218 36.51 -14.05 14.94
N VAL C 219 37.38 -13.07 15.17
CA VAL C 219 37.25 -11.73 14.62
C VAL C 219 38.62 -11.31 14.13
N THR C 220 38.66 -10.61 13.00
CA THR C 220 39.87 -9.99 12.53
C THR C 220 39.85 -8.53 12.95
N VAL C 221 41.01 -8.05 13.41
CA VAL C 221 41.18 -6.66 13.84
C VAL C 221 42.56 -6.17 13.44
N PRO C 222 42.71 -4.86 13.29
CA PRO C 222 44.04 -4.32 12.99
C PRO C 222 45.02 -4.64 14.12
N SER C 223 46.25 -4.95 13.74
CA SER C 223 47.30 -5.21 14.72
C SER C 223 47.39 -4.11 15.78
N SER C 224 47.06 -2.87 15.40
CA SER C 224 47.20 -1.72 16.28
C SER C 224 46.12 -1.63 17.36
N SER C 225 44.94 -2.18 17.11
CA SER C 225 43.80 -1.91 17.99
C SER C 225 43.77 -2.77 19.25
N LEU C 226 44.67 -3.75 19.37
CA LEU C 226 44.64 -4.64 20.52
C LEU C 226 44.97 -3.88 21.80
N GLY C 227 46.04 -3.09 21.79
CA GLY C 227 46.54 -2.44 22.98
C GLY C 227 45.61 -1.40 23.56
N THR C 228 44.56 -0.99 22.83
CA THR C 228 43.59 -0.05 23.36
C THR C 228 42.20 -0.67 23.45
N GLN C 229 41.66 -1.17 22.34
CA GLN C 229 40.28 -1.62 22.33
C GLN C 229 40.07 -2.90 23.14
N THR C 230 38.91 -2.98 23.78
CA THR C 230 38.46 -4.18 24.48
C THR C 230 37.39 -4.86 23.64
N TYR C 231 37.60 -6.14 23.33
CA TYR C 231 36.66 -6.96 22.57
C TYR C 231 36.16 -8.10 23.44
N ILE C 232 34.84 -8.18 23.64
CA ILE C 232 34.22 -9.21 24.47
C ILE C 232 33.34 -10.08 23.59
N CYS C 233 33.37 -11.39 23.83
CA CYS C 233 32.55 -12.34 23.07
C CYS C 233 31.39 -12.81 23.93
N ASN C 234 30.20 -12.87 23.34
CA ASN C 234 28.97 -13.21 24.06
C ASN C 234 28.47 -14.58 23.57
N VAL C 235 28.64 -15.60 24.39
CA VAL C 235 28.19 -16.96 24.06
C VAL C 235 26.89 -17.24 24.80
N ASN C 236 25.92 -17.84 24.10
CA ASN C 236 24.64 -18.17 24.72
C ASN C 236 24.22 -19.57 24.29
N HIS C 237 24.04 -20.46 25.26
CA HIS C 237 23.50 -21.80 25.05
C HIS C 237 22.15 -21.84 25.77
N LYS C 238 21.12 -21.36 25.08
CA LYS C 238 19.80 -21.22 25.69
C LYS C 238 19.23 -22.51 26.28
N PRO C 239 19.46 -23.72 25.74
CA PRO C 239 18.96 -24.94 26.39
C PRO C 239 19.30 -25.09 27.88
N SER C 240 20.54 -24.83 28.28
CA SER C 240 20.95 -24.98 29.68
C SER C 240 20.92 -23.66 30.44
N ASN C 241 20.35 -22.60 29.85
CA ASN C 241 20.30 -21.27 30.46
C ASN C 241 21.69 -20.70 30.73
N THR C 242 22.59 -20.88 29.76
CA THR C 242 24.00 -20.56 29.90
C THR C 242 24.33 -19.29 29.13
N LYS C 243 25.07 -18.37 29.75
CA LYS C 243 25.51 -17.12 29.11
C LYS C 243 26.88 -16.74 29.63
N VAL C 244 27.79 -16.41 28.72
CA VAL C 244 29.19 -16.13 29.07
C VAL C 244 29.71 -14.95 28.24
N ASP C 245 30.43 -14.03 28.91
CA ASP C 245 31.17 -12.96 28.24
C ASP C 245 32.65 -13.04 28.62
N LYS C 246 33.53 -13.10 27.61
CA LYS C 246 34.98 -13.26 27.83
C LYS C 246 35.80 -12.26 27.02
N LYS C 247 36.56 -11.43 27.73
CA LYS C 247 37.54 -10.55 27.10
C LYS C 247 38.65 -11.36 26.44
N VAL C 248 39.12 -10.89 25.28
CA VAL C 248 40.16 -11.56 24.51
C VAL C 248 41.26 -10.53 24.24
N GLU C 249 42.34 -10.58 25.02
CA GLU C 249 43.49 -9.71 24.79
C GLU C 249 44.77 -10.51 25.02
N PRO C 250 45.98 -9.98 24.67
CA PRO C 250 47.18 -10.81 24.74
C PRO C 250 47.88 -10.86 26.10
N LYS C 251 48.93 -11.68 26.21
CA LYS C 251 49.63 -11.93 27.49
C LYS C 251 50.28 -10.68 28.10
N ASP D 25 3.96 -38.60 -3.24
CA ASP D 25 2.91 -38.73 -4.28
C ASP D 25 3.42 -38.14 -5.60
N ILE D 26 3.40 -36.81 -5.77
CA ILE D 26 4.07 -36.23 -6.93
C ILE D 26 5.53 -36.06 -6.59
N GLN D 27 6.41 -36.43 -7.50
CA GLN D 27 7.83 -36.45 -7.23
C GLN D 27 8.45 -35.27 -7.95
N MET D 28 9.26 -34.51 -7.25
CA MET D 28 9.97 -33.40 -7.84
C MET D 28 11.44 -33.76 -7.92
N THR D 29 11.85 -34.19 -9.11
CA THR D 29 13.25 -34.52 -9.38
C THR D 29 13.97 -33.26 -9.85
N GLN D 30 14.90 -32.79 -9.03
CA GLN D 30 15.62 -31.55 -9.27
C GLN D 30 17.07 -31.86 -9.60
N SER D 31 17.62 -31.14 -10.58
CA SER D 31 18.98 -31.38 -11.03
C SER D 31 19.57 -30.07 -11.52
N PRO D 32 20.89 -29.87 -11.39
CA PRO D 32 21.83 -30.79 -10.76
C PRO D 32 21.81 -30.66 -9.25
N SER D 33 22.40 -31.59 -8.51
CA SER D 33 22.48 -31.45 -7.06
C SER D 33 23.27 -30.20 -6.67
N SER D 34 24.36 -29.92 -7.38
CA SER D 34 25.29 -28.86 -7.04
C SER D 34 25.91 -28.30 -8.31
N LEU D 35 26.31 -27.04 -8.24
CA LEU D 35 27.03 -26.42 -9.35
C LEU D 35 27.82 -25.24 -8.81
N SER D 36 28.82 -24.83 -9.60
CA SER D 36 29.59 -23.63 -9.30
C SER D 36 29.82 -22.86 -10.58
N ALA D 37 29.70 -21.54 -10.50
CA ALA D 37 29.80 -20.68 -11.67
C ALA D 37 30.27 -19.29 -11.26
N SER D 38 30.92 -18.62 -12.21
CA SER D 38 31.45 -17.30 -11.92
C SER D 38 30.34 -16.25 -11.96
N VAL D 39 30.63 -15.11 -11.32
CA VAL D 39 29.69 -14.00 -11.29
C VAL D 39 29.46 -13.47 -12.70
N GLY D 40 28.20 -13.30 -13.05
CA GLY D 40 27.80 -12.90 -14.38
C GLY D 40 27.31 -14.04 -15.24
N ASP D 41 27.71 -15.27 -14.93
CA ASP D 41 27.31 -16.41 -15.73
C ASP D 41 25.83 -16.67 -15.58
N ARG D 42 25.23 -17.17 -16.65
CA ARG D 42 23.83 -17.57 -16.65
C ARG D 42 23.73 -18.96 -16.04
N VAL D 43 22.70 -19.19 -15.23
CA VAL D 43 22.58 -20.44 -14.50
C VAL D 43 21.15 -20.95 -14.60
N THR D 44 20.99 -22.24 -14.92
CA THR D 44 19.67 -22.84 -15.05
C THR D 44 19.62 -24.09 -14.20
N ILE D 45 18.74 -24.09 -13.22
CA ILE D 45 18.40 -25.25 -12.44
C ILE D 45 17.10 -25.83 -13.00
N THR D 46 16.96 -27.15 -12.95
CA THR D 46 15.85 -27.83 -13.59
C THR D 46 15.13 -28.74 -12.59
N CYS D 47 13.79 -28.77 -12.69
CA CYS D 47 12.95 -29.57 -11.82
C CYS D 47 11.90 -30.26 -12.70
N ARG D 48 11.87 -31.58 -12.65
CA ARG D 48 10.99 -32.41 -13.47
C ARG D 48 9.94 -33.03 -12.56
N ALA D 49 8.69 -32.96 -12.98
CA ALA D 49 7.58 -33.44 -12.16
C ALA D 49 7.09 -34.82 -12.63
N SER D 50 6.86 -35.71 -11.66
CA SER D 50 6.45 -37.07 -11.97
C SER D 50 5.17 -37.10 -12.82
N GLN D 51 4.24 -36.17 -12.55
CA GLN D 51 3.03 -36.08 -13.36
C GLN D 51 2.68 -34.61 -13.52
N SER D 52 1.50 -34.34 -14.07
CA SER D 52 1.09 -33.00 -14.44
C SER D 52 0.90 -32.12 -13.21
N VAL D 53 1.49 -30.92 -13.25
CA VAL D 53 1.40 -29.96 -12.14
C VAL D 53 0.93 -28.59 -12.60
N TYR D 54 1.11 -28.29 -13.86
CA TYR D 54 0.54 -27.26 -14.70
C TYR D 54 1.05 -25.83 -14.57
N TYR D 55 1.14 -25.22 -13.40
CA TYR D 55 1.93 -23.99 -13.26
C TYR D 55 2.22 -23.91 -11.78
N SER D 56 1.66 -24.88 -11.05
CA SER D 56 1.64 -24.81 -9.61
C SER D 56 2.98 -25.23 -9.02
N VAL D 57 4.02 -24.51 -9.44
CA VAL D 57 5.37 -24.80 -9.01
C VAL D 57 5.98 -23.52 -8.47
N ALA D 58 6.59 -23.64 -7.28
CA ALA D 58 7.27 -22.53 -6.66
C ALA D 58 8.75 -22.84 -6.57
N TRP D 59 9.56 -21.78 -6.49
CA TRP D 59 11.01 -21.89 -6.29
C TRP D 59 11.40 -21.11 -5.06
N TYR D 60 12.17 -21.74 -4.18
CA TYR D 60 12.61 -21.12 -2.95
C TYR D 60 14.12 -20.99 -2.93
N GLN D 61 14.60 -19.93 -2.30
CA GLN D 61 16.03 -19.77 -2.02
C GLN D 61 16.22 -19.89 -0.52
N GLN D 62 17.14 -20.76 -0.11
CA GLN D 62 17.50 -20.94 1.30
C GLN D 62 18.97 -20.60 1.46
N LYS D 63 19.25 -19.46 2.12
CA LYS D 63 20.66 -19.19 2.39
C LYS D 63 21.05 -19.83 3.73
N PRO D 64 22.25 -20.36 3.84
CA PRO D 64 22.60 -21.22 4.99
C PRO D 64 22.19 -20.62 6.32
N GLY D 65 21.55 -21.44 7.14
CA GLY D 65 21.10 -21.03 8.46
C GLY D 65 19.96 -20.05 8.47
N LYS D 66 19.47 -19.63 7.31
CA LYS D 66 18.40 -18.67 7.23
C LYS D 66 17.13 -19.39 6.79
N ALA D 67 16.00 -18.74 7.03
CA ALA D 67 14.74 -19.30 6.60
C ALA D 67 14.59 -19.09 5.11
N PRO D 68 14.03 -20.06 4.40
CA PRO D 68 13.87 -19.92 2.95
C PRO D 68 12.96 -18.73 2.64
N LYS D 69 13.32 -18.01 1.59
CA LYS D 69 12.53 -16.93 1.03
C LYS D 69 11.98 -17.43 -0.30
N LEU D 70 10.74 -17.07 -0.62
CA LEU D 70 10.13 -17.46 -1.90
C LEU D 70 10.60 -16.52 -3.01
N LEU D 71 10.95 -17.09 -4.17
CA LEU D 71 11.43 -16.32 -5.32
C LEU D 71 10.45 -16.28 -6.48
N ILE D 72 10.08 -17.45 -6.99
CA ILE D 72 9.23 -17.61 -8.16
C ILE D 72 7.99 -18.37 -7.73
N TYR D 73 6.81 -17.91 -8.18
CA TYR D 73 5.58 -18.70 -8.04
C TYR D 73 4.86 -18.75 -9.38
N SER D 74 3.95 -19.72 -9.51
CA SER D 74 3.23 -19.98 -10.78
C SER D 74 4.19 -20.18 -11.93
N ALA D 75 5.34 -20.74 -11.61
CA ALA D 75 6.39 -21.22 -12.50
C ALA D 75 7.19 -20.11 -13.13
N SER D 76 6.64 -18.90 -13.18
CA SER D 76 7.32 -17.79 -13.83
C SER D 76 7.14 -16.44 -13.17
N TYR D 77 6.25 -16.30 -12.19
CA TYR D 77 5.99 -15.01 -11.56
C TYR D 77 6.98 -14.75 -10.44
N LEU D 78 7.57 -13.55 -10.44
CA LEU D 78 8.51 -13.17 -9.38
C LEU D 78 7.75 -12.65 -8.17
N TYR D 79 8.18 -13.09 -7.00
CA TYR D 79 7.61 -12.60 -5.77
C TYR D 79 8.12 -11.19 -5.50
N SER D 80 7.38 -10.44 -4.68
CA SER D 80 7.77 -9.06 -4.43
C SER D 80 9.13 -9.02 -3.75
N GLY D 81 10.00 -8.14 -4.23
CA GLY D 81 11.33 -8.04 -3.70
C GLY D 81 12.30 -9.04 -4.28
N VAL D 82 12.05 -9.54 -5.47
CA VAL D 82 12.96 -10.51 -6.09
C VAL D 82 13.68 -9.83 -7.25
N PRO D 83 15.02 -9.80 -7.25
CA PRO D 83 15.75 -9.18 -8.35
C PRO D 83 15.38 -9.78 -9.71
N SER D 84 15.39 -8.93 -10.73
CA SER D 84 14.96 -9.33 -12.06
C SER D 84 15.92 -10.31 -12.76
N ARG D 85 17.13 -10.50 -12.25
CA ARG D 85 17.99 -11.52 -12.83
C ARG D 85 17.49 -12.96 -12.57
N PHE D 86 16.43 -13.13 -11.79
CA PHE D 86 15.78 -14.42 -11.67
C PHE D 86 14.63 -14.57 -12.66
N SER D 87 14.37 -15.82 -13.06
CA SER D 87 13.23 -16.11 -13.90
C SER D 87 12.94 -17.61 -13.85
N GLY D 88 11.72 -17.97 -14.19
CA GLY D 88 11.35 -19.36 -14.29
C GLY D 88 10.48 -19.60 -15.50
N SER D 89 10.58 -20.80 -16.06
CA SER D 89 9.72 -21.17 -17.18
C SER D 89 9.23 -22.59 -17.02
N ARG D 90 8.08 -22.87 -17.61
CA ARG D 90 7.49 -24.20 -17.64
C ARG D 90 7.52 -24.76 -19.06
N SER D 91 7.86 -26.04 -19.20
CA SER D 91 7.78 -26.76 -20.46
C SER D 91 7.14 -28.12 -20.21
N GLY D 92 5.80 -28.17 -20.30
CA GLY D 92 5.11 -29.40 -20.01
C GLY D 92 5.19 -29.75 -18.55
N THR D 93 5.98 -30.77 -18.21
CA THR D 93 6.16 -31.14 -16.81
C THR D 93 7.57 -30.92 -16.35
N ASP D 94 8.38 -30.20 -17.13
CA ASP D 94 9.71 -29.78 -16.73
C ASP D 94 9.68 -28.29 -16.44
N PHE D 95 10.37 -27.89 -15.38
CA PHE D 95 10.43 -26.52 -14.89
C PHE D 95 11.87 -26.09 -14.68
N THR D 96 12.21 -24.84 -15.03
CA THR D 96 13.56 -24.32 -14.81
C THR D 96 13.55 -22.98 -14.08
N LEU D 97 14.55 -22.78 -13.22
CA LEU D 97 14.92 -21.52 -12.61
C LEU D 97 16.18 -20.99 -13.28
N THR D 98 16.24 -19.68 -13.51
CA THR D 98 17.35 -19.11 -14.26
C THR D 98 17.87 -17.85 -13.58
N ILE D 99 19.17 -17.81 -13.33
CA ILE D 99 19.87 -16.60 -12.92
C ILE D 99 20.65 -16.07 -14.10
N SER D 100 20.21 -14.94 -14.69
CA SER D 100 20.82 -14.49 -15.94
C SER D 100 22.20 -13.87 -15.71
N SER D 101 22.45 -13.28 -14.54
CA SER D 101 23.76 -12.72 -14.22
C SER D 101 24.05 -13.00 -12.75
N LEU D 102 24.69 -14.14 -12.48
CA LEU D 102 24.86 -14.63 -11.11
C LEU D 102 25.63 -13.63 -10.25
N GLN D 103 25.18 -13.48 -9.00
CA GLN D 103 25.73 -12.50 -8.06
C GLN D 103 26.18 -13.21 -6.79
N PRO D 104 27.15 -12.65 -6.06
CA PRO D 104 27.70 -13.38 -4.91
C PRO D 104 26.65 -13.73 -3.88
N GLU D 105 25.73 -12.81 -3.57
CA GLU D 105 24.73 -13.10 -2.56
C GLU D 105 23.78 -14.20 -3.01
N ASP D 106 23.90 -14.63 -4.25
CA ASP D 106 23.06 -15.70 -4.75
C ASP D 106 23.55 -17.08 -4.36
N PHE D 107 24.70 -17.18 -3.67
CA PHE D 107 25.09 -18.45 -3.09
C PHE D 107 24.00 -18.89 -2.13
N ALA D 108 23.36 -20.00 -2.44
CA ALA D 108 22.27 -20.52 -1.64
C ALA D 108 21.98 -21.94 -2.10
N THR D 109 20.99 -22.56 -1.46
CA THR D 109 20.39 -23.77 -1.99
C THR D 109 19.00 -23.44 -2.53
N TYR D 110 18.65 -24.01 -3.67
CA TYR D 110 17.39 -23.72 -4.35
C TYR D 110 16.51 -24.96 -4.41
N TYR D 111 15.22 -24.77 -4.15
CA TYR D 111 14.28 -25.87 -4.00
C TYR D 111 13.05 -25.59 -4.85
N CYS D 112 12.60 -26.57 -5.64
CA CYS D 112 11.30 -26.46 -6.27
C CYS D 112 10.26 -27.12 -5.39
N GLN D 113 9.01 -26.71 -5.59
CA GLN D 113 7.90 -27.37 -4.93
C GLN D 113 6.70 -27.33 -5.85
N GLN D 114 5.93 -28.41 -5.87
CA GLN D 114 4.63 -28.40 -6.53
C GLN D 114 3.52 -28.13 -5.52
N TYR D 115 2.55 -27.34 -5.93
CA TYR D 115 1.33 -27.23 -5.13
C TYR D 115 0.13 -27.58 -6.00
N ARG D 116 0.32 -28.48 -6.96
CA ARG D 116 -0.80 -28.93 -7.78
C ARG D 116 -1.73 -29.85 -6.99
N ARG D 117 -1.18 -30.87 -6.35
CA ARG D 117 -2.00 -31.69 -5.47
C ARG D 117 -1.34 -31.79 -4.11
N ARG D 118 -2.09 -32.29 -3.16
CA ARG D 118 -1.54 -32.48 -1.85
C ARG D 118 -1.26 -33.95 -1.62
N PRO D 119 -0.25 -34.29 -0.82
CA PRO D 119 0.67 -33.38 -0.13
C PRO D 119 1.61 -32.61 -1.06
N ILE D 120 2.00 -31.42 -0.62
CA ILE D 120 3.02 -30.70 -1.35
C ILE D 120 4.33 -31.44 -1.20
N THR D 121 5.12 -31.45 -2.27
CA THR D 121 6.37 -32.20 -2.27
C THR D 121 7.46 -31.32 -2.87
N PHE D 122 8.68 -31.48 -2.36
CA PHE D 122 9.81 -30.64 -2.74
C PHE D 122 10.80 -31.42 -3.60
N GLY D 123 11.57 -30.64 -4.36
CA GLY D 123 12.77 -31.16 -4.97
C GLY D 123 13.80 -31.44 -3.89
N GLN D 124 14.87 -32.12 -4.30
CA GLN D 124 15.94 -32.45 -3.37
C GLN D 124 16.83 -31.26 -3.05
N GLY D 125 16.74 -30.16 -3.79
CA GLY D 125 17.57 -29.00 -3.57
C GLY D 125 18.71 -28.89 -4.58
N THR D 126 19.24 -27.68 -4.70
CA THR D 126 20.43 -27.43 -5.52
C THR D 126 21.24 -26.35 -4.83
N LYS D 127 22.43 -26.71 -4.35
CA LYS D 127 23.34 -25.73 -3.77
C LYS D 127 24.12 -25.05 -4.90
N VAL D 128 24.33 -23.75 -4.77
CA VAL D 128 24.97 -22.97 -5.82
C VAL D 128 26.22 -22.34 -5.22
N GLU D 129 27.37 -22.93 -5.51
CA GLU D 129 28.65 -22.34 -5.19
C GLU D 129 29.01 -21.26 -6.20
N ILE D 130 29.75 -20.25 -5.77
CA ILE D 130 30.29 -19.22 -6.66
C ILE D 130 31.77 -19.53 -6.92
N LYS D 131 32.15 -19.53 -8.18
CA LYS D 131 33.54 -19.75 -8.57
C LYS D 131 34.20 -18.40 -8.83
N ARG D 132 35.23 -18.11 -8.04
CA ARG D 132 35.99 -16.87 -8.18
C ARG D 132 37.48 -17.22 -8.36
N THR D 133 38.29 -16.17 -8.40
CA THR D 133 39.72 -16.35 -8.56
C THR D 133 40.35 -16.86 -7.27
N VAL D 134 41.58 -17.36 -7.41
CA VAL D 134 42.33 -17.86 -6.27
C VAL D 134 42.57 -16.73 -5.27
N ALA D 135 42.37 -17.03 -3.99
CA ALA D 135 42.67 -16.12 -2.91
C ALA D 135 43.46 -16.88 -1.86
N ALA D 136 44.64 -16.38 -1.53
CA ALA D 136 45.48 -17.07 -0.57
C ALA D 136 44.90 -16.92 0.84
N PRO D 137 45.09 -17.93 1.68
CA PRO D 137 44.57 -17.85 3.05
C PRO D 137 45.50 -17.03 3.92
N SER D 138 44.91 -16.32 4.88
CA SER D 138 45.66 -15.75 5.97
C SER D 138 45.67 -16.75 7.11
N VAL D 139 46.82 -16.98 7.70
CA VAL D 139 47.01 -18.09 8.63
C VAL D 139 47.33 -17.55 10.02
N PHE D 140 46.83 -18.23 11.04
CA PHE D 140 47.08 -17.88 12.43
C PHE D 140 47.15 -19.16 13.24
N ILE D 141 47.91 -19.12 14.34
CA ILE D 141 47.98 -20.24 15.26
C ILE D 141 47.81 -19.70 16.68
N PHE D 142 47.05 -20.43 17.50
CA PHE D 142 46.66 -19.97 18.83
C PHE D 142 46.96 -21.06 19.84
N PRO D 143 47.88 -20.84 20.78
CA PRO D 143 48.11 -21.84 21.80
C PRO D 143 46.90 -21.96 22.70
N PRO D 144 46.78 -23.05 23.45
CA PRO D 144 45.63 -23.19 24.36
C PRO D 144 45.76 -22.25 25.54
N SER D 145 44.62 -21.76 26.01
CA SER D 145 44.61 -20.84 27.13
C SER D 145 45.07 -21.54 28.39
N ASP D 146 45.71 -20.77 29.27
CA ASP D 146 46.04 -21.27 30.60
C ASP D 146 44.78 -21.65 31.37
N GLU D 147 43.64 -21.00 31.04
CA GLU D 147 42.36 -21.37 31.64
C GLU D 147 41.92 -22.76 31.21
N GLN D 148 42.29 -23.20 29.99
CA GLN D 148 41.93 -24.55 29.54
C GLN D 148 42.92 -25.59 30.05
N LEU D 149 44.23 -25.29 30.02
CA LEU D 149 45.20 -26.21 30.59
C LEU D 149 44.88 -26.51 32.06
N LYS D 150 44.32 -25.53 32.78
CA LYS D 150 43.86 -25.74 34.16
C LYS D 150 42.54 -26.51 34.24
N SER D 151 41.90 -26.81 33.12
CA SER D 151 40.71 -27.66 33.12
C SER D 151 41.02 -29.11 32.82
N GLY D 152 42.23 -29.43 32.37
CA GLY D 152 42.64 -30.79 32.10
C GLY D 152 42.72 -31.16 30.64
N THR D 153 42.58 -30.19 29.72
CA THR D 153 42.55 -30.45 28.29
C THR D 153 43.33 -29.36 27.55
N ALA D 154 43.88 -29.72 26.38
CA ALA D 154 44.61 -28.78 25.51
C ALA D 154 43.96 -28.72 24.13
N SER D 155 43.53 -27.53 23.71
CA SER D 155 43.06 -27.30 22.34
C SER D 155 43.98 -26.32 21.62
N VAL D 156 44.56 -26.76 20.50
CA VAL D 156 45.41 -25.91 19.65
C VAL D 156 44.68 -25.62 18.34
N VAL D 157 44.55 -24.35 18.00
CA VAL D 157 43.70 -23.91 16.90
C VAL D 157 44.55 -23.27 15.82
N CYS D 158 44.32 -23.69 14.57
CA CYS D 158 44.93 -23.13 13.37
C CYS D 158 43.79 -22.57 12.53
N LEU D 159 43.96 -21.33 12.04
CA LEU D 159 42.90 -20.57 11.40
C LEU D 159 43.28 -20.20 9.97
N LEU D 160 42.47 -20.62 8.99
CA LEU D 160 42.65 -20.29 7.57
C LEU D 160 41.53 -19.34 7.15
N ASN D 161 41.85 -18.06 7.07
CA ASN D 161 40.84 -17.03 6.86
C ASN D 161 40.85 -16.52 5.43
N ASN D 162 39.67 -16.57 4.80
CA ASN D 162 39.34 -15.81 3.59
C ASN D 162 40.21 -16.22 2.39
N PHE D 163 39.98 -17.45 1.95
CA PHE D 163 40.69 -18.06 0.82
C PHE D 163 39.69 -18.66 -0.15
N TYR D 164 40.20 -19.04 -1.32
CA TYR D 164 39.40 -19.71 -2.35
C TYR D 164 40.34 -20.46 -3.29
N PRO D 165 40.01 -21.69 -3.70
CA PRO D 165 38.78 -22.41 -3.37
C PRO D 165 38.81 -23.14 -2.02
N ARG D 166 37.70 -23.84 -1.76
CA ARG D 166 37.49 -24.54 -0.51
C ARG D 166 38.55 -25.62 -0.30
N GLU D 167 39.10 -26.14 -1.39
CA GLU D 167 40.08 -27.21 -1.31
C GLU D 167 41.37 -26.66 -0.72
N ALA D 168 41.70 -27.07 0.51
CA ALA D 168 42.94 -26.72 1.18
C ALA D 168 43.33 -27.87 2.10
N LYS D 169 44.63 -28.04 2.31
CA LYS D 169 45.13 -29.14 3.13
C LYS D 169 45.93 -28.60 4.31
N VAL D 170 45.53 -28.97 5.52
CA VAL D 170 46.16 -28.51 6.76
C VAL D 170 46.81 -29.70 7.45
N GLN D 171 48.11 -29.64 7.65
CA GLN D 171 48.86 -30.67 8.36
C GLN D 171 49.30 -30.18 9.73
N TRP D 172 49.32 -31.10 10.69
CA TRP D 172 49.80 -30.82 12.04
C TRP D 172 51.13 -31.51 12.32
N LYS D 173 52.07 -30.77 12.89
CA LYS D 173 53.40 -31.28 13.20
C LYS D 173 53.74 -30.93 14.64
N VAL D 174 53.96 -31.95 15.45
CA VAL D 174 54.33 -31.79 16.86
C VAL D 174 55.81 -32.15 16.95
N ASP D 175 56.65 -31.11 17.01
CA ASP D 175 58.09 -31.26 16.88
C ASP D 175 58.45 -31.92 15.54
N ASN D 176 57.79 -31.48 14.47
CA ASN D 176 58.09 -31.82 13.08
C ASN D 176 57.69 -33.23 12.67
N ALA D 177 56.85 -33.91 13.43
CA ALA D 177 56.29 -35.21 13.05
C ALA D 177 54.80 -35.04 12.72
N LEU D 178 54.41 -35.54 11.55
CA LEU D 178 53.05 -35.34 11.04
C LEU D 178 52.02 -36.06 11.92
N GLN D 179 50.90 -35.36 12.19
CA GLN D 179 49.80 -35.90 12.98
C GLN D 179 48.65 -36.34 12.09
N SER D 180 47.96 -37.40 12.52
CA SER D 180 46.77 -37.88 11.82
C SER D 180 45.73 -38.32 12.84
N GLY D 181 44.51 -37.81 12.70
CA GLY D 181 43.35 -38.36 13.40
C GLY D 181 43.05 -37.79 14.77
N ASN D 182 43.86 -36.87 15.29
CA ASN D 182 43.54 -36.20 16.54
C ASN D 182 43.19 -34.74 16.32
N SER D 183 42.87 -34.38 15.08
CA SER D 183 42.41 -33.06 14.72
C SER D 183 41.05 -33.19 14.06
N GLN D 184 40.31 -32.09 14.04
CA GLN D 184 39.04 -32.01 13.35
C GLN D 184 38.90 -30.64 12.74
N GLU D 185 38.22 -30.55 11.60
CA GLU D 185 38.12 -29.29 10.89
C GLU D 185 36.66 -28.97 10.61
N SER D 186 36.37 -27.67 10.58
CA SER D 186 35.08 -27.16 10.15
C SER D 186 35.35 -25.95 9.27
N VAL D 187 34.46 -25.73 8.30
CA VAL D 187 34.63 -24.69 7.28
C VAL D 187 33.38 -23.83 7.27
N THR D 188 33.56 -22.52 7.15
CA THR D 188 32.41 -21.64 7.01
C THR D 188 31.64 -21.94 5.72
N GLU D 189 30.41 -21.45 5.68
CA GLU D 189 29.72 -21.33 4.41
C GLU D 189 30.40 -20.24 3.58
N GLN D 190 30.33 -20.39 2.25
CA GLN D 190 30.94 -19.38 1.39
C GLN D 190 30.39 -17.99 1.73
N ASP D 191 31.29 -17.03 1.92
CA ASP D 191 30.86 -15.69 2.29
C ASP D 191 30.03 -15.08 1.17
N SER D 192 28.83 -14.62 1.51
CA SER D 192 27.91 -14.13 0.49
C SER D 192 28.36 -12.83 -0.18
N LYS D 193 29.47 -12.22 0.22
CA LYS D 193 29.91 -10.97 -0.38
C LYS D 193 31.25 -11.08 -1.09
N ASP D 194 32.26 -11.69 -0.47
CA ASP D 194 33.52 -11.92 -1.16
C ASP D 194 33.70 -13.36 -1.64
N SER D 195 32.72 -14.24 -1.37
CA SER D 195 32.72 -15.61 -1.90
C SER D 195 33.94 -16.40 -1.47
N THR D 196 34.46 -16.15 -0.28
CA THR D 196 35.59 -16.94 0.24
C THR D 196 35.12 -17.79 1.40
N TYR D 197 35.99 -18.70 1.80
CA TYR D 197 35.75 -19.59 2.91
C TYR D 197 36.74 -19.30 4.03
N SER D 198 36.40 -19.79 5.22
CA SER D 198 37.28 -19.78 6.38
C SER D 198 37.28 -21.18 6.98
N LEU D 199 38.45 -21.63 7.44
CA LEU D 199 38.62 -22.99 7.93
C LEU D 199 39.23 -22.97 9.33
N SER D 200 38.78 -23.89 10.17
CA SER D 200 39.26 -24.02 11.55
C SER D 200 39.68 -25.46 11.77
N SER D 201 40.95 -25.66 12.14
CA SER D 201 41.46 -26.97 12.52
C SER D 201 41.91 -26.91 13.98
N THR D 202 41.31 -27.76 14.82
CA THR D 202 41.66 -27.84 16.23
C THR D 202 42.40 -29.16 16.46
N LEU D 203 43.53 -29.08 17.16
CA LEU D 203 44.30 -30.26 17.55
C LEU D 203 44.04 -30.48 19.03
N THR D 204 43.18 -31.45 19.33
CA THR D 204 42.72 -31.68 20.70
C THR D 204 43.58 -32.75 21.35
N LEU D 205 44.15 -32.41 22.51
CA LEU D 205 45.03 -33.30 23.25
C LEU D 205 44.65 -33.30 24.72
N SER D 206 45.12 -34.33 25.41
CA SER D 206 45.06 -34.28 26.86
C SER D 206 46.12 -33.32 27.35
N LYS D 207 45.82 -32.64 28.46
CA LYS D 207 46.76 -31.70 29.06
C LYS D 207 48.15 -32.31 29.22
N ALA D 208 48.21 -33.53 29.77
CA ALA D 208 49.49 -34.16 30.07
C ALA D 208 50.37 -34.31 28.83
N ASP D 209 49.78 -34.78 27.73
CA ASP D 209 50.54 -34.95 26.48
C ASP D 209 51.15 -33.63 26.04
N TYR D 210 50.40 -32.52 26.22
CA TYR D 210 50.88 -31.22 25.76
C TYR D 210 52.19 -30.82 26.47
N GLU D 211 52.30 -31.12 27.76
CA GLU D 211 53.55 -30.82 28.46
C GLU D 211 54.72 -31.70 28.01
N LYS D 212 54.58 -32.55 26.99
CA LYS D 212 55.69 -33.39 26.54
C LYS D 212 56.51 -32.79 25.39
N HIS D 213 56.03 -31.74 24.71
CA HIS D 213 56.68 -31.26 23.50
C HIS D 213 56.82 -29.74 23.52
N LYS D 214 57.61 -29.20 22.60
CA LYS D 214 57.92 -27.78 22.58
C LYS D 214 57.36 -27.06 21.35
N VAL D 215 57.62 -27.58 20.15
CA VAL D 215 57.30 -26.90 18.90
C VAL D 215 55.95 -27.40 18.37
N TYR D 216 55.00 -26.49 18.21
CA TYR D 216 53.69 -26.80 17.65
C TYR D 216 53.45 -25.94 16.42
N ALA D 217 53.08 -26.57 15.32
CA ALA D 217 52.95 -25.89 14.04
C ALA D 217 51.85 -26.53 13.20
N CYS D 218 51.14 -25.71 12.43
CA CYS D 218 50.31 -26.20 11.34
C CYS D 218 50.91 -25.77 10.00
N GLU D 219 50.93 -26.70 9.05
CA GLU D 219 51.51 -26.50 7.72
C GLU D 219 50.39 -26.53 6.66
N VAL D 220 50.24 -25.44 5.93
CA VAL D 220 49.13 -25.26 4.99
C VAL D 220 49.67 -25.30 3.56
N THR D 221 49.01 -26.10 2.71
CA THR D 221 49.25 -26.09 1.28
C THR D 221 47.94 -25.74 0.58
N HIS D 222 47.99 -24.80 -0.35
CA HIS D 222 46.78 -24.33 -1.01
C HIS D 222 47.17 -23.75 -2.36
N GLN D 223 46.17 -23.60 -3.24
CA GLN D 223 46.46 -23.30 -4.64
C GLN D 223 47.19 -21.96 -4.78
N GLY D 224 46.80 -20.98 -3.99
CA GLY D 224 47.40 -19.67 -4.12
C GLY D 224 48.62 -19.53 -3.26
N LEU D 225 49.23 -20.65 -2.90
CA LEU D 225 50.47 -20.66 -2.14
C LEU D 225 51.55 -21.36 -2.98
N SER D 226 52.55 -20.59 -3.41
CA SER D 226 53.67 -21.18 -4.13
C SER D 226 54.49 -22.08 -3.21
N SER D 227 55.04 -21.50 -2.14
CA SER D 227 55.53 -22.52 -1.24
C SER D 227 54.52 -22.74 -0.13
N PRO D 228 54.36 -23.97 0.36
CA PRO D 228 53.49 -24.19 1.52
C PRO D 228 53.99 -23.42 2.74
N VAL D 229 53.04 -23.02 3.57
CA VAL D 229 53.26 -22.10 4.68
C VAL D 229 53.08 -22.82 6.02
N THR D 230 53.97 -22.53 6.97
CA THR D 230 53.82 -23.02 8.33
C THR D 230 53.85 -21.83 9.30
N LYS D 231 52.87 -21.78 10.19
CA LYS D 231 52.84 -20.88 11.33
C LYS D 231 53.11 -21.69 12.60
N SER D 232 54.09 -21.27 13.39
CA SER D 232 54.54 -22.05 14.53
C SER D 232 54.66 -21.15 15.77
N PHE D 233 54.96 -21.79 16.91
CA PHE D 233 55.30 -21.08 18.13
C PHE D 233 56.12 -22.01 19.03
N ASN D 234 56.81 -21.41 19.99
CA ASN D 234 57.42 -22.16 21.09
C ASN D 234 56.46 -22.17 22.26
N ARG D 235 56.45 -23.28 23.02
CA ARG D 235 55.43 -23.49 24.03
C ARG D 235 55.43 -22.35 25.04
N GLY D 236 54.27 -21.74 25.24
CA GLY D 236 54.22 -20.55 26.08
C GLY D 236 54.97 -19.44 25.38
N GLU D 237 56.16 -19.15 25.86
CA GLU D 237 56.99 -18.08 25.31
C GLU D 237 58.44 -18.55 25.17
N GLU E 27 -11.50 4.11 1.62
CA GLU E 27 -11.27 4.19 3.07
C GLU E 27 -11.40 5.57 3.65
N VAL E 28 -10.68 6.53 3.05
CA VAL E 28 -10.59 7.87 3.61
C VAL E 28 -11.83 8.66 3.21
N GLN E 29 -12.64 9.02 4.20
CA GLN E 29 -13.80 9.85 3.88
C GLN E 29 -14.19 10.73 5.06
N LEU E 30 -14.92 11.79 4.73
CA LEU E 30 -15.43 12.78 5.67
C LEU E 30 -16.87 13.08 5.31
N VAL E 31 -17.74 13.07 6.33
CA VAL E 31 -19.18 13.14 6.13
C VAL E 31 -19.69 14.31 6.97
N GLU E 32 -19.88 15.47 6.34
CA GLU E 32 -20.51 16.58 7.05
C GLU E 32 -21.98 16.29 7.33
N SER E 33 -22.46 16.85 8.44
CA SER E 33 -23.87 16.85 8.79
C SER E 33 -24.11 18.03 9.70
N GLY E 34 -25.37 18.40 9.88
CA GLY E 34 -25.72 19.53 10.70
C GLY E 34 -26.12 20.77 9.93
N GLY E 35 -26.03 20.73 8.60
CA GLY E 35 -26.46 21.84 7.77
C GLY E 35 -27.96 22.04 7.79
N GLY E 36 -28.42 22.91 6.89
CA GLY E 36 -29.85 23.11 6.71
C GLY E 36 -30.20 24.58 6.73
N LEU E 37 -31.50 24.83 6.91
CA LEU E 37 -32.04 26.18 6.94
C LEU E 37 -32.02 26.65 8.39
N VAL E 38 -31.67 27.92 8.60
CA VAL E 38 -31.63 28.50 9.94
C VAL E 38 -31.96 29.99 9.84
N GLN E 39 -32.65 30.51 10.86
CA GLN E 39 -33.01 31.92 10.89
C GLN E 39 -31.76 32.79 11.10
N PRO E 40 -31.81 34.06 10.69
CA PRO E 40 -30.69 34.96 10.98
C PRO E 40 -30.69 35.30 12.46
N GLY E 41 -29.52 35.17 13.08
CA GLY E 41 -29.37 35.31 14.52
C GLY E 41 -29.31 33.98 15.23
N GLY E 42 -29.67 32.90 14.56
CA GLY E 42 -29.71 31.60 15.17
C GLY E 42 -28.37 30.90 15.10
N SER E 43 -28.35 29.67 15.61
CA SER E 43 -27.14 28.90 15.66
C SER E 43 -27.32 27.59 14.90
N LEU E 44 -26.19 26.94 14.63
CA LEU E 44 -26.07 25.65 13.93
C LEU E 44 -24.76 25.00 14.34
N ARG E 45 -24.75 23.66 14.44
CA ARG E 45 -23.54 22.91 14.84
C ARG E 45 -23.26 21.83 13.80
N LEU E 46 -22.46 22.16 12.80
CA LEU E 46 -21.94 21.17 11.85
C LEU E 46 -21.00 20.19 12.54
N SER E 47 -20.94 18.98 11.99
CA SER E 47 -19.99 17.97 12.43
C SER E 47 -19.48 17.25 11.19
N CYS E 48 -18.23 16.81 11.29
CA CYS E 48 -17.55 16.10 10.21
C CYS E 48 -17.04 14.79 10.79
N ALA E 49 -17.56 13.69 10.28
CA ALA E 49 -17.20 12.36 10.77
C ALA E 49 -16.16 11.74 9.84
N ALA E 50 -14.97 11.49 10.36
CA ALA E 50 -13.85 11.05 9.54
C ALA E 50 -13.68 9.55 9.60
N SER E 51 -13.19 8.98 8.51
CA SER E 51 -12.91 7.55 8.42
C SER E 51 -11.56 7.35 7.76
N GLY E 52 -10.91 6.23 8.09
CA GLY E 52 -9.71 5.85 7.40
C GLY E 52 -8.45 6.57 7.83
N PHE E 53 -8.53 7.43 8.84
CA PHE E 53 -7.35 8.07 9.41
C PHE E 53 -7.68 8.59 10.79
N SER E 54 -6.65 8.72 11.63
CA SER E 54 -6.82 9.27 12.97
C SER E 54 -6.84 10.79 12.91
N LEU E 55 -7.82 11.40 13.59
CA LEU E 55 -7.85 12.85 13.63
C LEU E 55 -6.59 13.41 14.23
N SER E 56 -6.11 12.77 15.30
CA SER E 56 -4.94 13.26 16.00
C SER E 56 -3.70 13.33 15.11
N SER E 57 -3.70 12.69 13.95
CA SER E 57 -2.58 12.79 13.02
C SER E 57 -2.99 13.58 11.77
N SER E 58 -3.75 14.65 11.98
CA SER E 58 -4.09 15.58 10.92
C SER E 58 -4.49 16.91 11.56
N SER E 59 -4.65 17.92 10.71
CA SER E 59 -5.33 19.16 11.10
C SER E 59 -6.57 19.30 10.23
N MET E 60 -7.70 19.56 10.86
CA MET E 60 -9.00 19.63 10.20
C MET E 60 -9.42 21.07 9.97
N HIS E 61 -10.12 21.31 8.88
CA HIS E 61 -10.41 22.68 8.45
C HIS E 61 -11.83 22.77 7.91
N TRP E 62 -12.47 23.91 8.12
CA TRP E 62 -13.73 24.25 7.48
C TRP E 62 -13.51 25.37 6.47
N VAL E 63 -14.00 25.18 5.24
CA VAL E 63 -13.89 26.16 4.15
C VAL E 63 -15.27 26.33 3.54
N ARG E 64 -15.78 27.56 3.49
CA ARG E 64 -17.13 27.77 2.99
C ARG E 64 -17.08 28.36 1.60
N GLN E 65 -18.18 28.20 0.88
CA GLN E 65 -18.27 28.69 -0.50
C GLN E 65 -19.63 29.35 -0.69
N ALA E 66 -19.66 30.68 -0.62
CA ALA E 66 -20.90 31.38 -0.94
C ALA E 66 -21.33 31.02 -2.35
N PRO E 67 -22.61 30.75 -2.59
CA PRO E 67 -23.03 30.24 -3.89
C PRO E 67 -22.67 31.21 -5.00
N GLY E 68 -21.78 30.77 -5.89
CA GLY E 68 -21.23 31.60 -6.95
C GLY E 68 -19.82 32.10 -6.68
N LYS E 69 -19.53 32.53 -5.44
CA LYS E 69 -18.20 33.02 -5.08
C LYS E 69 -17.19 31.84 -4.94
N GLY E 70 -15.97 32.19 -4.55
CA GLY E 70 -14.89 31.24 -4.38
C GLY E 70 -14.78 30.56 -3.03
N LEU E 71 -13.56 30.49 -2.51
CA LEU E 71 -13.27 29.70 -1.32
C LEU E 71 -12.79 30.59 -0.19
N GLU E 72 -13.42 30.45 0.99
CA GLU E 72 -13.05 31.22 2.16
C GLU E 72 -12.74 30.24 3.28
N TRP E 73 -11.47 30.18 3.69
CA TRP E 73 -11.10 29.43 4.89
C TRP E 73 -11.84 30.01 6.10
N VAL E 74 -12.29 29.12 6.97
CA VAL E 74 -13.08 29.55 8.12
C VAL E 74 -12.35 29.23 9.42
N ALA E 75 -12.03 27.96 9.66
CA ALA E 75 -11.37 27.59 10.90
C ALA E 75 -10.49 26.37 10.69
N SER E 76 -9.56 26.17 11.62
CA SER E 76 -8.63 25.04 11.58
C SER E 76 -8.37 24.55 12.99
N ILE E 77 -7.93 23.30 13.10
CA ILE E 77 -7.68 22.72 14.42
C ILE E 77 -6.71 21.55 14.27
N SER E 78 -5.76 21.47 15.21
CA SER E 78 -4.84 20.34 15.33
C SER E 78 -5.28 19.56 16.55
N PRO E 79 -6.10 18.51 16.38
CA PRO E 79 -6.59 17.77 17.55
C PRO E 79 -5.49 17.23 18.44
N TYR E 80 -4.30 16.99 17.87
CA TYR E 80 -3.16 16.59 18.68
C TYR E 80 -2.88 17.60 19.77
N SER E 81 -2.94 18.88 19.45
CA SER E 81 -2.64 19.92 20.41
C SER E 81 -3.87 20.62 20.94
N GLY E 82 -4.99 20.56 20.21
CA GLY E 82 -6.17 21.32 20.53
C GLY E 82 -6.13 22.74 20.03
N SER E 83 -5.07 23.13 19.34
CA SER E 83 -4.92 24.51 18.91
C SER E 83 -5.87 24.82 17.77
N THR E 84 -6.46 26.01 17.81
CA THR E 84 -7.44 26.44 16.83
C THR E 84 -7.09 27.83 16.32
N SER E 85 -7.56 28.13 15.11
CA SER E 85 -7.44 29.47 14.53
C SER E 85 -8.66 29.76 13.66
N TYR E 86 -9.07 31.03 13.59
CA TYR E 86 -10.27 31.41 12.87
C TYR E 86 -10.05 32.57 11.91
N ALA E 87 -10.79 32.56 10.82
CA ALA E 87 -10.89 33.74 9.98
C ALA E 87 -11.49 34.91 10.76
N ASP E 88 -10.97 36.12 10.51
CA ASP E 88 -11.49 37.28 11.25
C ASP E 88 -12.96 37.54 11.00
N SER E 89 -13.56 36.90 10.00
CA SER E 89 -14.97 37.13 9.70
C SER E 89 -15.88 36.22 10.48
N VAL E 90 -15.34 35.33 11.30
CA VAL E 90 -16.20 34.48 12.12
C VAL E 90 -15.72 34.54 13.56
N LYS E 91 -14.59 35.21 13.77
CA LYS E 91 -13.95 35.32 15.08
C LYS E 91 -15.00 35.70 16.12
N GLY E 92 -15.18 34.82 17.11
CA GLY E 92 -16.09 35.09 18.19
C GLY E 92 -17.54 34.68 17.96
N ARG E 93 -17.93 34.36 16.72
CA ARG E 93 -19.22 33.75 16.48
C ARG E 93 -19.13 32.24 16.30
N PHE E 94 -17.98 31.75 15.85
CA PHE E 94 -17.78 30.34 15.57
C PHE E 94 -16.77 29.74 16.53
N THR E 95 -16.87 28.43 16.69
CA THR E 95 -15.96 27.68 17.56
C THR E 95 -15.70 26.32 16.93
N ILE E 96 -14.54 26.16 16.35
CA ILE E 96 -14.14 24.85 15.87
C ILE E 96 -13.73 24.03 17.09
N SER E 97 -13.87 22.71 17.00
CA SER E 97 -13.53 21.83 18.10
C SER E 97 -13.40 20.42 17.54
N ALA E 98 -12.94 19.51 18.40
CA ALA E 98 -12.79 18.12 17.97
C ALA E 98 -12.92 17.20 19.16
N ASP E 99 -13.63 16.08 18.95
CA ASP E 99 -13.67 14.97 19.90
C ASP E 99 -12.80 13.85 19.32
N THR E 100 -11.63 13.65 19.91
CA THR E 100 -10.69 12.71 19.33
C THR E 100 -11.14 11.26 19.49
N SER E 101 -12.02 10.96 20.44
CA SER E 101 -12.49 9.58 20.57
C SER E 101 -13.55 9.27 19.52
N LYS E 102 -14.51 10.17 19.34
CA LYS E 102 -15.50 9.97 18.29
C LYS E 102 -14.90 10.07 16.90
N ASN E 103 -13.63 10.48 16.81
CA ASN E 103 -12.94 10.73 15.54
C ASN E 103 -13.81 11.59 14.63
N THR E 104 -14.46 12.59 15.20
CA THR E 104 -15.20 13.58 14.42
C THR E 104 -14.82 14.98 14.89
N ALA E 105 -15.13 15.97 14.05
CA ALA E 105 -14.83 17.37 14.35
C ALA E 105 -16.09 18.20 14.12
N TYR E 106 -16.14 19.37 14.78
CA TYR E 106 -17.37 20.15 14.90
C TYR E 106 -17.13 21.62 14.59
N LEU E 107 -18.21 22.31 14.23
CA LEU E 107 -18.19 23.75 14.03
C LEU E 107 -19.46 24.33 14.64
N GLN E 108 -19.32 24.97 15.80
CA GLN E 108 -20.40 25.74 16.38
C GLN E 108 -20.52 27.06 15.63
N MET E 109 -21.71 27.39 15.14
CA MET E 109 -21.94 28.65 14.45
C MET E 109 -23.01 29.41 15.21
N ASN E 110 -22.63 30.52 15.82
CA ASN E 110 -23.59 31.37 16.52
C ASN E 110 -23.76 32.70 15.82
N SER E 111 -24.90 33.33 16.06
CA SER E 111 -25.16 34.69 15.61
C SER E 111 -25.07 34.81 14.09
N LEU E 112 -25.63 33.85 13.38
CA LEU E 112 -25.45 33.78 11.93
C LEU E 112 -26.17 34.92 11.23
N ARG E 113 -25.64 35.30 10.07
CA ARG E 113 -26.24 36.32 9.23
C ARG E 113 -26.50 35.72 7.85
N ALA E 114 -27.29 36.44 7.05
CA ALA E 114 -27.60 35.98 5.69
C ALA E 114 -26.35 35.74 4.88
N GLU E 115 -25.38 36.64 4.99
CA GLU E 115 -24.09 36.56 4.32
C GLU E 115 -23.24 35.41 4.81
N ASP E 116 -23.77 34.54 5.66
CA ASP E 116 -23.11 33.30 6.05
C ASP E 116 -23.62 32.10 5.27
N THR E 117 -24.66 32.29 4.45
CA THR E 117 -25.16 31.23 3.61
C THR E 117 -24.09 30.81 2.63
N ALA E 118 -23.81 29.51 2.61
CA ALA E 118 -22.77 28.90 1.81
C ALA E 118 -22.84 27.38 1.94
N VAL E 119 -22.09 26.70 1.09
CA VAL E 119 -21.74 25.31 1.32
C VAL E 119 -20.53 25.28 2.24
N TYR E 120 -20.55 24.38 3.22
CA TYR E 120 -19.46 24.31 4.19
C TYR E 120 -18.74 22.96 4.07
N TYR E 121 -17.53 23.00 3.53
CA TYR E 121 -16.68 21.81 3.43
C TYR E 121 -15.76 21.72 4.64
N CYS E 122 -15.51 20.49 5.11
CA CYS E 122 -14.38 20.24 5.98
C CYS E 122 -13.29 19.52 5.19
N ALA E 123 -12.05 19.77 5.60
CA ALA E 123 -10.90 19.21 4.91
C ALA E 123 -9.92 18.65 5.92
N ARG E 124 -9.09 17.75 5.43
CA ARG E 124 -8.02 17.16 6.20
C ARG E 124 -6.70 17.64 5.61
N THR E 125 -5.75 17.94 6.48
CA THR E 125 -4.35 18.04 6.09
C THR E 125 -3.61 16.94 6.83
N LYS E 126 -3.02 16.01 6.08
CA LYS E 126 -2.27 14.91 6.70
C LYS E 126 -1.06 15.47 7.43
N TYR E 127 -0.86 15.04 8.67
CA TYR E 127 0.33 15.38 9.44
C TYR E 127 1.57 14.69 8.88
N HIS E 128 2.71 15.39 8.93
CA HIS E 128 3.98 14.75 8.62
C HIS E 128 5.08 15.26 9.53
N TYR E 129 5.85 14.34 10.12
CA TYR E 129 6.81 14.72 11.15
C TYR E 129 7.93 15.61 10.63
N LYS E 130 8.30 15.44 9.35
CA LYS E 130 9.39 16.20 8.73
C LYS E 130 9.06 17.66 8.47
N ASN E 131 7.81 18.08 8.70
CA ASN E 131 7.36 19.39 8.28
C ASN E 131 7.69 20.45 9.31
N TYR E 132 7.43 21.71 8.94
CA TYR E 132 7.56 22.82 9.87
C TYR E 132 6.37 23.77 9.84
N TYR E 133 5.39 23.56 8.95
CA TYR E 133 4.06 24.13 9.05
C TYR E 133 3.13 23.29 8.18
N TRP E 134 1.83 23.56 8.26
CA TRP E 134 0.89 22.67 7.61
C TRP E 134 0.83 22.93 6.10
N TRP E 135 0.59 21.83 5.36
CA TRP E 135 0.56 21.83 3.90
C TRP E 135 -0.88 22.01 3.41
N ALA E 136 -1.12 21.64 2.15
CA ALA E 136 -2.42 21.82 1.51
C ALA E 136 -3.52 20.96 2.14
N LEU E 137 -4.76 21.20 1.69
CA LEU E 137 -5.93 20.46 2.13
C LEU E 137 -6.15 19.28 1.18
N ASP E 138 -5.81 18.06 1.64
CA ASP E 138 -5.66 16.95 0.71
C ASP E 138 -6.88 16.05 0.62
N TYR E 139 -7.98 16.40 1.28
CA TYR E 139 -9.22 15.64 1.10
C TYR E 139 -10.34 16.52 1.64
N TRP E 140 -11.41 16.64 0.85
CA TRP E 140 -12.54 17.49 1.18
C TRP E 140 -13.82 16.67 1.24
N GLY E 141 -14.65 16.97 2.24
CA GLY E 141 -15.97 16.40 2.26
C GLY E 141 -16.85 17.02 1.19
N GLN E 142 -17.94 16.33 0.87
CA GLN E 142 -18.82 16.84 -0.16
C GLN E 142 -19.50 18.12 0.28
N GLY E 143 -19.57 18.35 1.58
CA GLY E 143 -20.06 19.61 2.09
C GLY E 143 -21.54 19.54 2.40
N THR E 144 -21.98 20.47 3.25
CA THR E 144 -23.39 20.59 3.56
C THR E 144 -23.83 22.04 3.36
N LEU E 145 -25.06 22.20 2.90
CA LEU E 145 -25.60 23.51 2.54
C LEU E 145 -26.23 24.19 3.76
N VAL E 146 -25.77 25.41 4.03
CA VAL E 146 -26.26 26.21 5.14
C VAL E 146 -26.88 27.44 4.51
N THR E 147 -28.20 27.57 4.60
CA THR E 147 -28.87 28.78 4.10
C THR E 147 -29.51 29.51 5.28
N VAL E 148 -29.25 30.82 5.37
CA VAL E 148 -29.69 31.64 6.48
C VAL E 148 -30.76 32.59 5.96
N SER E 149 -32.03 32.32 6.26
CA SER E 149 -33.09 33.13 5.67
C SER E 149 -34.25 33.26 6.64
N SER E 150 -35.15 34.20 6.33
CA SER E 150 -36.36 34.43 7.10
C SER E 150 -37.55 33.63 6.58
N ALA E 151 -37.42 32.95 5.45
CA ALA E 151 -38.43 32.12 4.83
C ALA E 151 -38.49 30.75 5.52
N SER E 152 -39.56 30.01 5.25
CA SER E 152 -39.79 28.73 5.90
C SER E 152 -39.74 27.60 4.87
N THR E 153 -39.65 26.36 5.38
CA THR E 153 -39.56 25.21 4.47
C THR E 153 -40.90 24.95 3.80
N LYS E 154 -40.88 24.90 2.45
CA LYS E 154 -42.05 24.60 1.64
C LYS E 154 -41.71 23.48 0.69
N GLY E 155 -42.52 22.43 0.69
CA GLY E 155 -42.33 21.30 -0.17
C GLY E 155 -42.74 21.57 -1.61
N PRO E 156 -42.16 20.82 -2.54
CA PRO E 156 -42.40 21.14 -3.95
C PRO E 156 -43.68 20.51 -4.46
N SER E 157 -44.10 21.01 -5.62
CA SER E 157 -45.16 20.39 -6.39
C SER E 157 -44.53 19.81 -7.63
N VAL E 158 -45.12 18.74 -8.15
CA VAL E 158 -44.50 18.01 -9.25
C VAL E 158 -45.52 17.86 -10.35
N PHE E 159 -45.15 18.29 -11.54
CA PHE E 159 -46.03 18.24 -12.67
C PHE E 159 -45.36 17.51 -13.82
N PRO E 160 -46.14 16.87 -14.69
CA PRO E 160 -45.56 16.23 -15.86
C PRO E 160 -45.25 17.23 -16.98
N LEU E 161 -44.22 16.91 -17.73
CA LEU E 161 -43.89 17.61 -18.96
C LEU E 161 -44.04 16.56 -20.04
N ALA E 162 -45.17 16.61 -20.79
CA ALA E 162 -45.42 15.47 -21.65
C ALA E 162 -45.30 15.81 -23.14
N PRO E 163 -44.98 14.82 -23.97
CA PRO E 163 -44.82 15.04 -25.42
C PRO E 163 -46.02 15.62 -26.14
N SER E 164 -45.74 16.13 -27.34
CA SER E 164 -46.73 16.59 -28.30
C SER E 164 -47.02 15.59 -29.42
N SER E 165 -46.17 14.56 -29.58
CA SER E 165 -46.33 13.53 -30.62
C SER E 165 -46.16 14.10 -32.03
N LYS E 166 -45.03 14.77 -32.27
CA LYS E 166 -44.73 15.33 -33.59
C LYS E 166 -43.98 14.35 -34.50
N SER E 167 -42.96 13.69 -33.98
CA SER E 167 -42.11 12.80 -34.77
C SER E 167 -42.60 11.35 -34.63
N THR E 168 -42.48 10.58 -35.71
CA THR E 168 -42.82 9.16 -35.69
C THR E 168 -41.56 8.34 -35.35
N SER E 169 -41.59 7.02 -35.61
CA SER E 169 -40.59 6.06 -35.17
C SER E 169 -39.15 6.40 -35.57
N GLY E 170 -38.98 7.42 -36.41
CA GLY E 170 -37.64 7.83 -36.76
C GLY E 170 -36.94 8.60 -35.65
N GLY E 171 -37.69 9.35 -34.84
CA GLY E 171 -37.12 10.27 -33.90
C GLY E 171 -37.31 9.84 -32.46
N THR E 172 -36.57 10.51 -31.58
CA THR E 172 -36.74 10.33 -30.15
C THR E 172 -37.54 11.49 -29.56
N ALA E 173 -38.12 11.23 -28.40
CA ALA E 173 -39.02 12.15 -27.72
C ALA E 173 -38.39 12.55 -26.38
N ALA E 174 -38.91 13.64 -25.79
CA ALA E 174 -38.44 14.13 -24.51
C ALA E 174 -39.64 14.24 -23.60
N LEU E 175 -39.47 13.79 -22.34
CA LEU E 175 -40.49 13.93 -21.31
C LEU E 175 -39.77 14.30 -20.01
N GLY E 176 -40.53 14.73 -19.01
CA GLY E 176 -39.85 15.33 -17.87
C GLY E 176 -40.78 15.63 -16.71
N CYS E 177 -40.18 16.18 -15.65
CA CYS E 177 -40.87 16.56 -14.44
C CYS E 177 -40.45 17.98 -14.03
N LEU E 178 -41.44 18.78 -13.63
CA LEU E 178 -41.24 20.15 -13.22
C LEU E 178 -41.49 20.22 -11.72
N VAL E 179 -40.51 20.72 -10.96
CA VAL E 179 -40.59 20.70 -9.51
C VAL E 179 -40.66 22.16 -9.06
N LYS E 180 -41.86 22.61 -8.71
CA LYS E 180 -42.13 24.03 -8.57
C LYS E 180 -42.43 24.39 -7.14
N ASP E 181 -42.12 25.63 -6.78
CA ASP E 181 -42.55 26.27 -5.54
C ASP E 181 -42.06 25.49 -4.32
N TYR E 182 -40.76 25.48 -4.15
CA TYR E 182 -40.18 24.87 -2.95
C TYR E 182 -39.06 25.75 -2.39
N PHE E 183 -38.72 25.46 -1.14
CA PHE E 183 -37.70 26.16 -0.38
C PHE E 183 -37.40 25.32 0.85
N PRO E 184 -36.12 25.13 1.21
CA PRO E 184 -34.97 25.71 0.51
C PRO E 184 -34.39 24.73 -0.48
N GLU E 185 -33.27 25.08 -1.11
CA GLU E 185 -32.52 24.12 -1.89
C GLU E 185 -32.02 23.02 -0.96
N PRO E 186 -31.79 21.80 -1.47
CA PRO E 186 -31.89 21.25 -2.82
C PRO E 186 -33.05 20.31 -3.06
N VAL E 187 -33.12 19.87 -4.31
CA VAL E 187 -34.02 18.83 -4.76
C VAL E 187 -33.20 17.87 -5.61
N THR E 188 -33.58 16.61 -5.61
CA THR E 188 -32.91 15.63 -6.45
C THR E 188 -33.93 14.85 -7.24
N VAL E 189 -33.62 14.59 -8.50
CA VAL E 189 -34.51 13.85 -9.37
C VAL E 189 -33.77 12.66 -9.94
N SER E 190 -34.44 11.52 -9.96
CA SER E 190 -33.94 10.35 -10.65
C SER E 190 -35.09 9.86 -11.53
N TRP E 191 -34.79 8.90 -12.40
CA TRP E 191 -35.79 8.40 -13.32
C TRP E 191 -35.83 6.88 -13.24
N ASN E 192 -37.06 6.36 -13.25
CA ASN E 192 -37.34 4.95 -13.07
C ASN E 192 -36.50 4.37 -11.91
N SER E 193 -36.42 5.16 -10.82
CA SER E 193 -35.73 4.76 -9.58
C SER E 193 -34.22 4.64 -9.77
N GLY E 194 -33.66 5.43 -10.68
CA GLY E 194 -32.25 5.39 -10.96
C GLY E 194 -31.84 4.40 -12.02
N ALA E 195 -32.79 3.66 -12.60
CA ALA E 195 -32.52 2.66 -13.63
C ALA E 195 -32.39 3.28 -15.01
N LEU E 196 -32.86 4.50 -15.18
CA LEU E 196 -32.75 5.26 -16.42
C LEU E 196 -31.92 6.51 -16.09
N THR E 197 -30.72 6.57 -16.64
CA THR E 197 -29.77 7.65 -16.39
C THR E 197 -29.26 8.28 -17.67
N SER E 198 -29.06 7.49 -18.71
CA SER E 198 -28.59 8.06 -19.97
C SER E 198 -29.69 8.95 -20.54
N GLY E 199 -29.32 10.18 -20.85
CA GLY E 199 -30.20 11.13 -21.50
C GLY E 199 -30.93 12.07 -20.58
N VAL E 200 -30.45 12.28 -19.36
CA VAL E 200 -31.20 12.96 -18.32
C VAL E 200 -30.50 14.24 -17.93
N HIS E 201 -31.27 15.31 -17.82
CA HIS E 201 -30.78 16.62 -17.46
C HIS E 201 -31.69 17.14 -16.38
N THR E 202 -31.11 17.40 -15.21
CA THR E 202 -31.78 18.17 -14.18
C THR E 202 -31.14 19.53 -14.16
N PHE E 203 -31.93 20.55 -14.45
CA PHE E 203 -31.41 21.88 -14.57
C PHE E 203 -31.19 22.50 -13.20
N PRO E 204 -30.29 23.48 -13.11
CA PRO E 204 -30.24 24.30 -11.90
C PRO E 204 -31.57 24.99 -11.65
N ALA E 205 -32.00 24.97 -10.39
CA ALA E 205 -33.20 25.69 -10.02
C ALA E 205 -33.03 27.20 -10.20
N VAL E 206 -34.13 27.87 -10.49
CA VAL E 206 -34.17 29.32 -10.57
C VAL E 206 -35.11 29.84 -9.49
N LEU E 207 -34.71 30.96 -8.88
CA LEU E 207 -35.51 31.64 -7.87
C LEU E 207 -36.61 32.45 -8.53
N GLN E 208 -37.84 32.28 -8.05
CA GLN E 208 -39.01 32.91 -8.66
C GLN E 208 -39.27 34.28 -8.04
N SER E 209 -40.13 35.05 -8.72
CA SER E 209 -40.52 36.36 -8.19
C SER E 209 -41.18 36.20 -6.83
N SER E 210 -41.77 35.03 -6.58
CA SER E 210 -42.38 34.69 -5.31
C SER E 210 -41.35 34.32 -4.26
N GLY E 211 -40.06 34.45 -4.57
CA GLY E 211 -39.05 34.02 -3.63
C GLY E 211 -39.04 32.53 -3.36
N LEU E 212 -39.44 31.71 -4.34
CA LEU E 212 -39.41 30.25 -4.29
C LEU E 212 -38.57 29.64 -5.42
N TYR E 213 -38.11 28.42 -5.20
CA TYR E 213 -37.31 27.78 -6.24
C TYR E 213 -38.17 26.93 -7.16
N SER E 214 -37.62 26.66 -8.35
CA SER E 214 -38.28 25.84 -9.36
C SER E 214 -37.24 25.25 -10.31
N LEU E 215 -37.33 23.96 -10.61
CA LEU E 215 -36.44 23.35 -11.57
C LEU E 215 -37.19 22.33 -12.42
N SER E 216 -36.50 21.89 -13.47
CA SER E 216 -37.00 20.88 -14.39
C SER E 216 -35.98 19.74 -14.48
N SER E 217 -36.49 18.54 -14.69
CA SER E 217 -35.64 17.41 -15.02
C SER E 217 -36.22 16.80 -16.27
N VAL E 218 -35.37 16.48 -17.24
CA VAL E 218 -35.87 15.93 -18.50
C VAL E 218 -35.07 14.67 -18.86
N VAL E 219 -35.70 13.81 -19.66
CA VAL E 219 -35.06 12.63 -20.19
C VAL E 219 -35.54 12.47 -21.62
N THR E 220 -34.65 12.09 -22.52
CA THR E 220 -35.05 11.75 -23.87
C THR E 220 -35.17 10.22 -24.02
N VAL E 221 -36.20 9.78 -24.74
CA VAL E 221 -36.56 8.37 -24.94
C VAL E 221 -37.05 8.19 -26.38
N PRO E 222 -36.98 6.97 -26.90
CA PRO E 222 -37.48 6.77 -28.26
C PRO E 222 -38.98 7.02 -28.34
N SER E 223 -39.37 7.77 -29.37
CA SER E 223 -40.77 8.09 -29.61
C SER E 223 -41.64 6.84 -29.63
N SER E 224 -41.06 5.69 -30.03
CA SER E 224 -41.79 4.43 -30.18
C SER E 224 -42.12 3.77 -28.84
N SER E 225 -41.34 4.06 -27.79
CA SER E 225 -41.47 3.39 -26.50
C SER E 225 -42.50 4.06 -25.58
N LEU E 226 -43.09 5.18 -25.99
CA LEU E 226 -43.98 5.92 -25.09
C LEU E 226 -45.20 5.11 -24.66
N GLY E 227 -45.91 4.53 -25.63
CA GLY E 227 -47.18 3.86 -25.35
C GLY E 227 -47.08 2.56 -24.55
N THR E 228 -45.87 2.02 -24.38
CA THR E 228 -45.66 0.77 -23.64
C THR E 228 -44.84 1.01 -22.38
N GLN E 229 -43.66 1.60 -22.52
CA GLN E 229 -42.75 1.80 -21.40
C GLN E 229 -43.34 2.80 -20.42
N THR E 230 -43.00 2.60 -19.14
CA THR E 230 -43.34 3.52 -18.07
C THR E 230 -42.13 4.38 -17.73
N TYR E 231 -42.31 5.70 -17.75
CA TYR E 231 -41.28 6.63 -17.29
C TYR E 231 -41.80 7.39 -16.07
N ILE E 232 -41.17 7.17 -14.92
CA ILE E 232 -41.54 7.76 -13.65
C ILE E 232 -40.35 8.58 -13.15
N CYS E 233 -40.65 9.74 -12.58
CA CYS E 233 -39.60 10.57 -12.01
C CYS E 233 -39.69 10.52 -10.49
N ASN E 234 -38.53 10.44 -9.86
CA ASN E 234 -38.43 10.32 -8.41
C ASN E 234 -37.86 11.63 -7.87
N VAL E 235 -38.74 12.43 -7.28
CA VAL E 235 -38.41 13.74 -6.72
C VAL E 235 -38.26 13.59 -5.21
N ASN E 236 -37.19 14.17 -4.67
CA ASN E 236 -36.92 14.14 -3.23
C ASN E 236 -36.50 15.54 -2.80
N HIS E 237 -37.24 16.11 -1.86
CA HIS E 237 -36.88 17.37 -1.21
C HIS E 237 -36.63 17.10 0.26
N LYS E 238 -35.42 16.61 0.60
CA LYS E 238 -35.12 16.18 1.98
C LYS E 238 -35.38 17.30 2.99
N PRO E 239 -35.18 18.59 2.63
CA PRO E 239 -35.57 19.65 3.56
C PRO E 239 -36.98 19.50 4.13
N SER E 240 -37.97 19.18 3.30
CA SER E 240 -39.34 19.00 3.77
C SER E 240 -39.73 17.54 3.97
N ASN E 241 -38.77 16.62 3.80
CA ASN E 241 -39.03 15.18 3.92
C ASN E 241 -40.10 14.75 2.93
N THR E 242 -40.02 15.32 1.74
CA THR E 242 -41.01 15.15 0.70
C THR E 242 -40.42 14.29 -0.40
N LYS E 243 -41.21 13.36 -0.89
CA LYS E 243 -40.86 12.48 -1.99
C LYS E 243 -42.11 12.27 -2.84
N VAL E 244 -41.95 12.36 -4.16
CA VAL E 244 -43.06 12.22 -5.10
C VAL E 244 -42.57 11.37 -6.26
N ASP E 245 -43.39 10.41 -6.67
CA ASP E 245 -43.18 9.63 -7.89
C ASP E 245 -44.34 9.92 -8.82
N LYS E 246 -44.05 10.43 -10.02
CA LYS E 246 -45.08 10.85 -10.96
C LYS E 246 -44.73 10.22 -12.30
N LYS E 247 -45.54 9.27 -12.74
CA LYS E 247 -45.38 8.73 -14.08
C LYS E 247 -45.81 9.79 -15.10
N VAL E 248 -45.08 9.82 -16.22
CA VAL E 248 -45.19 10.86 -17.24
C VAL E 248 -45.51 10.22 -18.59
N GLU E 249 -46.74 10.39 -19.04
CA GLU E 249 -47.23 9.90 -20.33
C GLU E 249 -48.01 11.04 -20.97
N PRO E 250 -48.38 10.91 -22.24
CA PRO E 250 -49.07 12.04 -22.92
C PRO E 250 -50.60 12.04 -22.79
N LYS E 251 -51.26 13.06 -23.35
CA LYS E 251 -52.71 13.25 -23.24
C LYS E 251 -53.52 12.10 -23.86
N ASP F 25 -2.85 37.78 4.96
CA ASP F 25 -2.64 39.04 4.27
C ASP F 25 -1.93 38.83 2.94
N ILE F 26 -1.63 37.58 2.59
CA ILE F 26 -1.03 37.26 1.30
C ILE F 26 -2.14 37.10 0.27
N GLN F 27 -1.97 37.71 -0.89
CA GLN F 27 -3.00 37.64 -1.93
C GLN F 27 -2.52 36.79 -3.10
N MET F 28 -3.41 35.94 -3.57
CA MET F 28 -3.14 35.09 -4.72
C MET F 28 -3.98 35.65 -5.86
N THR F 29 -3.34 36.42 -6.74
CA THR F 29 -4.04 36.96 -7.90
C THR F 29 -3.93 35.95 -9.03
N GLN F 30 -5.06 35.35 -9.38
CA GLN F 30 -5.14 34.26 -10.33
C GLN F 30 -5.78 34.73 -11.63
N SER F 31 -5.23 34.27 -12.75
CA SER F 31 -5.69 34.70 -14.06
C SER F 31 -5.46 33.58 -15.08
N PRO F 32 -6.27 33.53 -16.13
CA PRO F 32 -7.38 34.44 -16.39
C PRO F 32 -8.60 33.99 -15.61
N SER F 33 -9.66 34.80 -15.58
CA SER F 33 -10.90 34.39 -14.93
C SER F 33 -11.48 33.14 -15.58
N SER F 34 -11.44 33.06 -16.92
CA SER F 34 -12.07 31.98 -17.66
C SER F 34 -11.26 31.71 -18.93
N LEU F 35 -11.39 30.49 -19.45
CA LEU F 35 -10.82 30.18 -20.76
C LEU F 35 -11.52 28.97 -21.35
N SER F 36 -11.38 28.79 -22.67
CA SER F 36 -11.91 27.58 -23.29
C SER F 36 -10.93 27.07 -24.35
N ALA F 37 -10.79 25.76 -24.44
CA ALA F 37 -9.79 25.17 -25.32
C ALA F 37 -10.27 23.82 -25.81
N SER F 38 -9.79 23.45 -26.98
CA SER F 38 -10.27 22.22 -27.57
C SER F 38 -9.61 21.03 -26.89
N VAL F 39 -10.28 19.88 -26.99
CA VAL F 39 -9.74 18.67 -26.40
C VAL F 39 -8.41 18.39 -27.07
N GLY F 40 -7.38 18.17 -26.26
CA GLY F 40 -6.03 17.96 -26.75
C GLY F 40 -5.09 19.13 -26.56
N ASP F 41 -5.62 20.33 -26.44
CA ASP F 41 -4.84 21.57 -26.30
C ASP F 41 -4.17 21.70 -24.94
N ARG F 42 -3.02 22.37 -24.93
CA ARG F 42 -2.35 22.71 -23.69
C ARG F 42 -2.93 24.02 -23.16
N VAL F 43 -3.05 24.11 -21.84
CA VAL F 43 -3.66 25.25 -21.16
C VAL F 43 -2.84 25.62 -19.92
N THR F 44 -2.64 26.93 -19.71
CA THR F 44 -1.87 27.42 -18.57
C THR F 44 -2.70 28.44 -17.80
N ILE F 45 -2.96 28.13 -16.54
CA ILE F 45 -3.50 29.07 -15.57
C ILE F 45 -2.35 29.56 -14.70
N THR F 46 -2.38 30.83 -14.31
CA THR F 46 -1.26 31.45 -13.60
C THR F 46 -1.78 32.08 -12.33
N CYS F 47 -0.91 32.09 -11.30
CA CYS F 47 -1.21 32.67 -10.00
C CYS F 47 0.03 33.39 -9.51
N ARG F 48 -0.08 34.70 -9.27
CA ARG F 48 1.01 35.51 -8.76
C ARG F 48 0.69 35.93 -7.33
N ALA F 49 1.67 35.72 -6.44
CA ALA F 49 1.52 35.96 -5.01
C ALA F 49 2.10 37.32 -4.63
N SER F 50 1.40 38.03 -3.76
CA SER F 50 1.78 39.37 -3.36
C SER F 50 3.19 39.41 -2.77
N GLN F 51 3.56 38.40 -2.00
CA GLN F 51 4.89 38.32 -1.41
C GLN F 51 5.37 36.87 -1.44
N SER F 52 6.56 36.64 -0.90
CA SER F 52 7.24 35.37 -1.06
C SER F 52 6.48 34.24 -0.36
N VAL F 53 6.24 33.13 -1.09
CA VAL F 53 5.52 31.96 -0.59
C VAL F 53 6.36 30.68 -0.76
N TYR F 54 7.25 30.72 -1.73
CA TYR F 54 8.37 29.82 -1.98
C TYR F 54 8.13 28.45 -2.58
N TYR F 55 7.21 27.62 -2.09
CA TYR F 55 6.76 26.45 -2.88
C TYR F 55 5.40 26.08 -2.34
N SER F 56 5.00 26.79 -1.29
CA SER F 56 3.86 26.41 -0.51
C SER F 56 2.58 26.88 -1.19
N VAL F 57 2.44 26.39 -2.41
CA VAL F 57 1.32 26.69 -3.27
C VAL F 57 0.69 25.37 -3.70
N ALA F 58 -0.63 25.28 -3.56
CA ALA F 58 -1.39 24.14 -4.01
C ALA F 58 -2.37 24.59 -5.10
N TRP F 59 -2.80 23.63 -5.92
CA TRP F 59 -3.77 23.85 -6.98
C TRP F 59 -4.91 22.85 -6.85
N TYR F 60 -6.15 23.33 -6.89
CA TYR F 60 -7.33 22.49 -6.71
C TYR F 60 -8.19 22.51 -7.96
N GLN F 61 -8.91 21.40 -8.18
CA GLN F 61 -9.92 21.29 -9.23
C GLN F 61 -11.28 21.12 -8.58
N GLN F 62 -12.24 21.96 -8.97
CA GLN F 62 -13.61 21.83 -8.48
C GLN F 62 -14.58 21.69 -9.65
N LYS F 63 -15.19 20.53 -9.77
CA LYS F 63 -16.22 20.19 -10.74
C LYS F 63 -17.61 20.46 -10.15
N PRO F 64 -18.52 20.99 -10.97
CA PRO F 64 -19.82 21.44 -10.47
C PRO F 64 -20.48 20.42 -9.57
N GLY F 65 -20.96 20.90 -8.44
CA GLY F 65 -21.60 20.07 -7.45
C GLY F 65 -20.66 19.16 -6.71
N LYS F 66 -19.38 19.17 -7.05
CA LYS F 66 -18.42 18.34 -6.35
C LYS F 66 -17.53 19.22 -5.49
N ALA F 67 -16.85 18.57 -4.54
CA ALA F 67 -15.91 19.15 -3.62
C ALA F 67 -14.55 19.23 -4.29
N PRO F 68 -13.77 20.26 -3.97
CA PRO F 68 -12.46 20.40 -4.60
C PRO F 68 -11.59 19.20 -4.29
N LYS F 69 -10.85 18.76 -5.32
CA LYS F 69 -9.83 17.73 -5.18
C LYS F 69 -8.49 18.40 -5.35
N LEU F 70 -7.49 17.96 -4.56
CA LEU F 70 -6.16 18.55 -4.67
C LEU F 70 -5.40 17.92 -5.82
N LEU F 71 -4.78 18.76 -6.67
CA LEU F 71 -4.00 18.34 -7.83
C LEU F 71 -2.49 18.50 -7.64
N ILE F 72 -2.04 19.71 -7.37
CA ILE F 72 -0.64 20.07 -7.26
C ILE F 72 -0.39 20.61 -5.87
N TYR F 73 0.71 20.17 -5.25
CA TYR F 73 1.22 20.76 -4.01
C TYR F 73 2.72 20.98 -4.22
N SER F 74 3.32 21.80 -3.35
CA SER F 74 4.73 22.16 -3.46
C SER F 74 5.04 22.69 -4.85
N ALA F 75 4.01 23.29 -5.44
CA ALA F 75 4.04 24.08 -6.67
C ALA F 75 4.24 23.25 -7.92
N SER F 76 4.77 22.02 -7.78
CA SER F 76 5.11 21.19 -8.93
C SER F 76 4.84 19.71 -8.76
N TYR F 77 4.59 19.23 -7.54
CA TYR F 77 4.37 17.82 -7.27
C TYR F 77 2.90 17.48 -7.39
N LEU F 78 2.61 16.37 -8.09
CA LEU F 78 1.24 15.87 -8.28
C LEU F 78 0.79 15.03 -7.10
N TYR F 79 -0.44 15.28 -6.63
CA TYR F 79 -0.99 14.45 -5.58
C TYR F 79 -1.29 13.07 -6.17
N SER F 80 -1.28 12.06 -5.32
CA SER F 80 -1.44 10.71 -5.84
C SER F 80 -2.82 10.55 -6.45
N GLY F 81 -2.86 9.92 -7.62
CA GLY F 81 -4.08 9.71 -8.36
C GLY F 81 -4.50 10.87 -9.22
N VAL F 82 -3.59 11.75 -9.59
CA VAL F 82 -3.88 12.90 -10.45
C VAL F 82 -3.24 12.62 -11.80
N PRO F 83 -3.96 12.72 -12.89
CA PRO F 83 -3.36 12.43 -14.20
C PRO F 83 -2.10 13.27 -14.43
N SER F 84 -1.11 12.66 -15.09
CA SER F 84 0.15 13.34 -15.33
C SER F 84 0.04 14.45 -16.38
N ARG F 85 -1.08 14.58 -17.08
CA ARG F 85 -1.26 15.74 -17.94
C ARG F 85 -1.38 17.02 -17.13
N PHE F 86 -1.44 16.95 -15.80
CA PHE F 86 -1.32 18.11 -14.94
C PHE F 86 0.15 18.29 -14.51
N SER F 87 0.54 19.55 -14.30
CA SER F 87 1.85 19.89 -13.78
C SER F 87 1.83 21.32 -13.30
N GLY F 88 2.81 21.66 -12.46
CA GLY F 88 2.96 23.02 -11.99
C GLY F 88 4.41 23.43 -11.95
N SER F 89 4.64 24.74 -12.12
CA SER F 89 5.97 25.28 -11.98
C SER F 89 5.91 26.57 -11.18
N ARG F 90 7.04 26.89 -10.55
CA ARG F 90 7.25 28.13 -9.81
C ARG F 90 8.29 28.95 -10.54
N SER F 91 8.05 30.25 -10.63
CA SER F 91 9.03 31.19 -11.18
C SER F 91 9.04 32.39 -10.23
N GLY F 92 9.90 32.34 -9.23
CA GLY F 92 9.93 33.40 -8.24
C GLY F 92 8.65 33.38 -7.40
N THR F 93 7.79 34.36 -7.63
CA THR F 93 6.49 34.45 -6.97
C THR F 93 5.33 34.29 -7.96
N ASP F 94 5.61 33.78 -9.16
CA ASP F 94 4.58 33.38 -10.11
C ASP F 94 4.50 31.86 -10.17
N PHE F 95 3.28 31.36 -10.19
CA PHE F 95 3.05 29.93 -10.21
C PHE F 95 2.06 29.66 -11.35
N THR F 96 2.33 28.62 -12.12
CA THR F 96 1.42 28.29 -13.21
C THR F 96 1.04 26.82 -13.13
N LEU F 97 -0.21 26.56 -13.44
CA LEU F 97 -0.76 25.22 -13.63
C LEU F 97 -0.92 24.96 -15.12
N THR F 98 -0.58 23.75 -15.54
CA THR F 98 -0.63 23.42 -16.96
C THR F 98 -1.31 22.08 -17.12
N ILE F 99 -2.39 22.08 -17.90
CA ILE F 99 -3.04 20.86 -18.33
C ILE F 99 -2.55 20.65 -19.76
N SER F 100 -1.64 19.68 -19.92
CA SER F 100 -0.87 19.58 -21.15
C SER F 100 -1.70 19.03 -22.30
N SER F 101 -2.73 18.20 -22.01
CA SER F 101 -3.57 17.67 -23.08
C SER F 101 -5.00 17.61 -22.56
N LEU F 102 -5.72 18.70 -22.74
CA LEU F 102 -7.02 18.90 -22.08
C LEU F 102 -8.03 17.83 -22.51
N GLN F 103 -8.81 17.37 -21.55
CA GLN F 103 -9.76 16.27 -21.73
C GLN F 103 -11.16 16.76 -21.38
N PRO F 104 -12.19 16.11 -21.92
CA PRO F 104 -13.56 16.63 -21.74
C PRO F 104 -13.96 16.75 -20.29
N GLU F 105 -13.58 15.80 -19.45
CA GLU F 105 -13.88 15.84 -18.03
C GLU F 105 -13.10 16.89 -17.27
N ASP F 106 -12.16 17.58 -17.91
CA ASP F 106 -11.40 18.59 -17.19
C ASP F 106 -12.14 19.91 -17.07
N PHE F 107 -13.34 20.01 -17.63
CA PHE F 107 -14.19 21.16 -17.34
C PHE F 107 -14.37 21.31 -15.85
N ALA F 108 -13.87 22.42 -15.30
CA ALA F 108 -13.93 22.68 -13.87
C ALA F 108 -13.52 24.13 -13.62
N THR F 109 -13.60 24.53 -12.36
CA THR F 109 -12.96 25.76 -11.90
C THR F 109 -11.72 25.37 -11.10
N TYR F 110 -10.60 26.06 -11.37
CA TYR F 110 -9.30 25.71 -10.79
C TYR F 110 -8.83 26.84 -9.88
N TYR F 111 -8.26 26.46 -8.73
CA TYR F 111 -7.94 27.38 -7.66
C TYR F 111 -6.50 27.21 -7.18
N CYS F 112 -5.75 28.32 -7.07
CA CYS F 112 -4.49 28.27 -6.35
C CYS F 112 -4.70 28.67 -4.90
N GLN F 113 -3.79 28.17 -4.04
CA GLN F 113 -3.76 28.54 -2.64
C GLN F 113 -2.32 28.54 -2.14
N GLN F 114 -1.96 29.51 -1.30
CA GLN F 114 -0.67 29.47 -0.62
C GLN F 114 -0.85 28.91 0.79
N TYR F 115 0.11 28.09 1.22
CA TYR F 115 0.18 27.67 2.61
C TYR F 115 1.56 28.02 3.21
N ARG F 116 2.17 29.10 2.75
CA ARG F 116 3.42 29.55 3.32
C ARG F 116 3.19 30.19 4.69
N ARG F 117 2.28 31.16 4.75
CA ARG F 117 1.97 31.77 6.03
C ARG F 117 0.48 31.69 6.25
N ARG F 118 0.07 31.94 7.48
CA ARG F 118 -1.35 31.95 7.78
C ARG F 118 -1.84 33.37 8.03
N PRO F 119 -3.11 33.65 7.73
CA PRO F 119 -4.12 32.75 7.20
C PRO F 119 -3.83 32.30 5.79
N ILE F 120 -4.26 31.07 5.44
CA ILE F 120 -4.17 30.60 4.07
C ILE F 120 -5.14 31.38 3.20
N THR F 121 -4.75 31.65 1.96
CA THR F 121 -5.56 32.45 1.04
C THR F 121 -5.60 31.79 -0.33
N PHE F 122 -6.74 31.93 -1.03
CA PHE F 122 -6.99 31.30 -2.33
C PHE F 122 -7.02 32.33 -3.45
N GLY F 123 -6.74 31.88 -4.66
CA GLY F 123 -7.00 32.69 -5.83
C GLY F 123 -8.49 32.83 -6.08
N GLN F 124 -8.84 33.75 -7.01
CA GLN F 124 -10.26 33.96 -7.31
C GLN F 124 -10.86 32.82 -8.13
N GLY F 125 -10.06 31.94 -8.71
CA GLY F 125 -10.56 30.84 -9.51
C GLY F 125 -10.36 31.06 -10.99
N THR F 126 -10.46 29.97 -11.74
CA THR F 126 -10.40 30.01 -13.20
C THR F 126 -11.31 28.92 -13.74
N LYS F 127 -12.38 29.32 -14.43
CA LYS F 127 -13.28 28.37 -15.09
C LYS F 127 -12.74 27.96 -16.46
N VAL F 128 -12.82 26.66 -16.76
CA VAL F 128 -12.30 26.08 -17.98
C VAL F 128 -13.42 25.42 -18.75
N GLU F 129 -13.88 26.06 -19.82
CA GLU F 129 -14.79 25.41 -20.75
C GLU F 129 -14.01 24.57 -21.74
N ILE F 130 -14.65 23.55 -22.29
CA ILE F 130 -14.10 22.77 -23.39
C ILE F 130 -14.71 23.26 -24.68
N LYS F 131 -13.89 23.53 -25.69
CA LYS F 131 -14.34 23.97 -27.00
C LYS F 131 -14.50 22.76 -27.91
N ARG F 132 -15.70 22.51 -28.36
CA ARG F 132 -15.96 21.43 -29.28
C ARG F 132 -16.63 22.01 -30.52
N THR F 133 -16.99 21.14 -31.45
CA THR F 133 -17.59 21.66 -32.66
C THR F 133 -18.98 22.18 -32.36
N VAL F 134 -19.49 23.02 -33.26
CA VAL F 134 -20.84 23.54 -33.12
C VAL F 134 -21.81 22.38 -33.16
N ALA F 135 -22.77 22.39 -32.26
CA ALA F 135 -23.87 21.42 -32.30
C ALA F 135 -25.16 22.18 -32.04
N ALA F 136 -26.09 22.12 -32.99
CA ALA F 136 -27.34 22.83 -32.82
C ALA F 136 -28.17 22.08 -31.78
N PRO F 137 -29.01 22.78 -31.01
CA PRO F 137 -29.84 22.11 -30.02
C PRO F 137 -31.05 21.49 -30.69
N SER F 138 -31.48 20.34 -30.18
CA SER F 138 -32.82 19.88 -30.55
C SER F 138 -33.81 20.41 -29.53
N VAL F 139 -34.97 20.85 -30.03
CA VAL F 139 -35.94 21.65 -29.28
C VAL F 139 -37.18 20.83 -28.97
N PHE F 140 -37.75 21.11 -27.79
CA PHE F 140 -38.98 20.49 -27.32
C PHE F 140 -39.79 21.53 -26.56
N ILE F 141 -41.11 21.40 -26.59
CA ILE F 141 -42.02 22.31 -25.89
C ILE F 141 -43.04 21.48 -25.12
N PHE F 142 -43.39 21.93 -23.93
CA PHE F 142 -44.24 21.16 -23.01
C PHE F 142 -45.36 22.06 -22.51
N PRO F 143 -46.62 21.76 -22.83
CA PRO F 143 -47.74 22.57 -22.30
C PRO F 143 -47.88 22.34 -20.79
N PRO F 144 -48.64 23.19 -20.11
CA PRO F 144 -48.84 22.98 -18.68
C PRO F 144 -49.76 21.79 -18.41
N SER F 145 -49.49 21.09 -17.32
CA SER F 145 -50.33 19.97 -16.97
C SER F 145 -51.73 20.42 -16.50
N ASP F 146 -52.73 19.58 -16.73
CA ASP F 146 -54.04 19.83 -16.13
C ASP F 146 -53.93 19.81 -14.62
N GLU F 147 -52.96 19.08 -14.10
CA GLU F 147 -52.73 18.99 -12.67
C GLU F 147 -52.25 20.32 -12.09
N GLN F 148 -51.51 21.13 -12.87
CA GLN F 148 -51.04 22.44 -12.36
C GLN F 148 -52.05 23.56 -12.53
N LEU F 149 -52.73 23.61 -13.67
CA LEU F 149 -53.71 24.66 -13.92
C LEU F 149 -54.76 24.75 -12.83
N LYS F 150 -55.06 23.63 -12.16
CA LYS F 150 -56.05 23.64 -11.11
C LYS F 150 -55.57 24.40 -9.88
N SER F 151 -54.29 24.76 -9.84
CA SER F 151 -53.68 25.55 -8.78
C SER F 151 -53.61 27.03 -9.10
N GLY F 152 -53.88 27.43 -10.34
CA GLY F 152 -53.94 28.82 -10.70
C GLY F 152 -52.79 29.36 -11.52
N THR F 153 -51.87 28.52 -11.96
CA THR F 153 -50.71 29.00 -12.70
C THR F 153 -50.43 28.02 -13.83
N ALA F 154 -49.89 28.55 -14.92
CA ALA F 154 -49.51 27.74 -16.06
C ALA F 154 -48.02 27.93 -16.30
N SER F 155 -47.27 26.83 -16.24
CA SER F 155 -45.85 26.88 -16.60
C SER F 155 -45.67 26.20 -17.92
N VAL F 156 -45.13 26.94 -18.89
CA VAL F 156 -44.82 26.42 -20.21
C VAL F 156 -43.31 26.28 -20.31
N VAL F 157 -42.84 25.11 -20.71
CA VAL F 157 -41.42 24.78 -20.69
C VAL F 157 -40.94 24.55 -22.10
N CYS F 158 -39.80 25.13 -22.43
CA CYS F 158 -39.11 24.94 -23.71
C CYS F 158 -37.74 24.37 -23.38
N LEU F 159 -37.36 23.30 -24.08
CA LEU F 159 -36.18 22.51 -23.77
C LEU F 159 -35.24 22.55 -24.97
N LEU F 160 -34.02 23.04 -24.76
CA LEU F 160 -32.99 23.09 -25.81
C LEU F 160 -31.92 22.07 -25.42
N ASN F 161 -31.91 20.93 -26.10
CA ASN F 161 -31.11 19.82 -25.65
C ASN F 161 -29.80 19.65 -26.43
N ASN F 162 -28.68 19.63 -25.70
CA ASN F 162 -27.37 19.15 -26.16
C ASN F 162 -26.79 19.98 -27.33
N PHE F 163 -26.41 21.19 -26.99
CA PHE F 163 -25.87 22.09 -27.99
C PHE F 163 -24.56 22.69 -27.51
N TYR F 164 -23.87 23.32 -28.46
CA TYR F 164 -22.62 24.05 -28.24
C TYR F 164 -22.45 25.02 -29.38
N PRO F 165 -22.08 26.27 -29.12
CA PRO F 165 -21.74 26.80 -27.81
C PRO F 165 -22.91 27.18 -26.94
N ARG F 166 -22.57 27.71 -25.76
CA ARG F 166 -23.56 27.98 -24.73
C ARG F 166 -24.53 29.07 -25.14
N GLU F 167 -24.12 29.98 -26.02
CA GLU F 167 -24.92 31.15 -26.38
C GLU F 167 -26.11 30.73 -27.25
N ALA F 168 -27.32 30.92 -26.74
CA ALA F 168 -28.55 30.62 -27.47
C ALA F 168 -29.63 31.62 -27.07
N LYS F 169 -30.58 31.88 -27.98
CA LYS F 169 -31.64 32.86 -27.74
C LYS F 169 -33.02 32.20 -27.83
N VAL F 170 -33.81 32.32 -26.78
CA VAL F 170 -35.16 31.75 -26.69
C VAL F 170 -36.17 32.89 -26.60
N GLN F 171 -37.04 32.99 -27.59
CA GLN F 171 -38.14 33.94 -27.55
C GLN F 171 -39.44 33.18 -27.39
N TRP F 172 -40.36 33.76 -26.64
CA TRP F 172 -41.68 33.17 -26.44
C TRP F 172 -42.70 33.99 -27.21
N LYS F 173 -43.58 33.32 -27.94
CA LYS F 173 -44.59 33.98 -28.75
C LYS F 173 -45.91 33.30 -28.42
N VAL F 174 -46.85 34.09 -27.95
CA VAL F 174 -48.19 33.64 -27.59
C VAL F 174 -49.15 34.24 -28.61
N ASP F 175 -49.69 33.39 -29.48
CA ASP F 175 -50.49 33.83 -30.63
C ASP F 175 -49.68 34.79 -31.50
N ASN F 176 -48.39 34.47 -31.62
CA ASN F 176 -47.43 35.10 -32.51
C ASN F 176 -47.06 36.51 -32.04
N ALA F 177 -47.36 36.83 -30.79
CA ALA F 177 -46.95 38.07 -30.18
C ALA F 177 -45.80 37.80 -29.24
N LEU F 178 -44.71 38.52 -29.43
CA LEU F 178 -43.52 38.29 -28.64
C LEU F 178 -43.76 38.69 -27.18
N GLN F 179 -43.28 37.86 -26.26
CA GLN F 179 -43.44 38.04 -24.83
C GLN F 179 -42.20 38.69 -24.21
N SER F 180 -42.43 39.47 -23.17
CA SER F 180 -41.35 40.14 -22.44
C SER F 180 -41.62 40.01 -20.94
N GLY F 181 -40.62 39.57 -20.18
CA GLY F 181 -40.71 39.70 -18.73
C GLY F 181 -41.40 38.57 -17.99
N ASN F 182 -41.94 37.55 -18.68
CA ASN F 182 -42.51 36.39 -18.01
C ASN F 182 -41.76 35.09 -18.27
N SER F 183 -40.50 35.13 -18.68
CA SER F 183 -39.77 33.90 -18.80
C SER F 183 -38.49 33.96 -17.96
N GLN F 184 -37.98 32.77 -17.61
CA GLN F 184 -36.72 32.57 -16.90
C GLN F 184 -36.05 31.29 -17.43
N GLU F 185 -34.71 31.30 -17.50
CA GLU F 185 -34.01 30.14 -18.03
C GLU F 185 -32.84 29.74 -17.15
N SER F 186 -32.49 28.45 -17.21
CA SER F 186 -31.28 27.93 -16.60
C SER F 186 -30.61 26.97 -17.57
N VAL F 187 -29.29 26.84 -17.42
CA VAL F 187 -28.45 26.07 -18.33
C VAL F 187 -27.68 25.06 -17.52
N THR F 188 -27.60 23.84 -18.02
CA THR F 188 -26.79 22.83 -17.35
C THR F 188 -25.31 23.22 -17.38
N GLU F 189 -24.55 22.57 -16.51
CA GLU F 189 -23.11 22.58 -16.66
C GLU F 189 -22.71 21.75 -17.88
N GLN F 190 -21.60 22.13 -18.47
CA GLN F 190 -21.08 21.44 -19.64
C GLN F 190 -20.94 19.93 -19.37
N ASP F 191 -21.43 19.12 -20.29
CA ASP F 191 -21.38 17.68 -20.10
C ASP F 191 -19.95 17.17 -20.00
N SER F 192 -19.65 16.42 -18.93
CA SER F 192 -18.27 15.96 -18.79
C SER F 192 -17.89 14.94 -19.85
N LYS F 193 -18.82 14.54 -20.72
CA LYS F 193 -18.49 13.58 -21.77
C LYS F 193 -18.58 14.16 -23.16
N ASP F 194 -19.70 14.78 -23.56
CA ASP F 194 -19.81 15.31 -24.92
C ASP F 194 -19.61 16.81 -25.00
N SER F 195 -19.44 17.48 -23.84
CA SER F 195 -19.09 18.89 -23.79
C SER F 195 -20.17 19.79 -24.39
N THR F 196 -21.45 19.42 -24.24
CA THR F 196 -22.55 20.23 -24.72
C THR F 196 -23.32 20.84 -23.55
N TYR F 197 -24.19 21.78 -23.89
CA TYR F 197 -25.09 22.37 -22.92
C TYR F 197 -26.55 22.02 -23.24
N SER F 198 -27.36 22.13 -22.21
CA SER F 198 -28.80 22.02 -22.32
C SER F 198 -29.35 23.21 -21.59
N LEU F 199 -30.39 23.79 -22.16
CA LEU F 199 -31.03 24.99 -21.63
C LEU F 199 -32.51 24.73 -21.42
N SER F 200 -33.05 25.33 -20.37
CA SER F 200 -34.46 25.21 -20.01
C SER F 200 -35.04 26.61 -19.84
N SER F 201 -36.04 26.96 -20.66
CA SER F 201 -36.75 28.23 -20.50
C SER F 201 -38.19 27.96 -20.11
N THR F 202 -38.62 28.59 -19.02
CA THR F 202 -39.98 28.45 -18.54
C THR F 202 -40.75 29.75 -18.74
N LEU F 203 -41.98 29.63 -19.25
CA LEU F 203 -42.89 30.76 -19.45
C LEU F 203 -44.03 30.64 -18.44
N THR F 204 -44.03 31.49 -17.41
CA THR F 204 -45.03 31.41 -16.34
C THR F 204 -46.16 32.42 -16.54
N LEU F 205 -47.40 31.93 -16.50
CA LEU F 205 -48.60 32.72 -16.72
C LEU F 205 -49.64 32.35 -15.67
N SER F 206 -50.63 33.22 -15.49
CA SER F 206 -51.80 32.85 -14.72
C SER F 206 -52.70 31.93 -15.54
N LYS F 207 -53.38 30.99 -14.87
CA LYS F 207 -54.32 30.14 -15.59
C LYS F 207 -55.23 31.00 -16.47
N ALA F 208 -55.75 32.08 -15.88
CA ALA F 208 -56.70 32.94 -16.57
C ALA F 208 -56.11 33.53 -17.84
N ASP F 209 -54.90 34.12 -17.75
CA ASP F 209 -54.27 34.66 -18.94
C ASP F 209 -54.00 33.57 -19.96
N TYR F 210 -53.56 32.40 -19.48
CA TYR F 210 -53.22 31.28 -20.37
C TYR F 210 -54.40 30.81 -21.19
N GLU F 211 -55.56 30.72 -20.59
CA GLU F 211 -56.78 30.31 -21.27
C GLU F 211 -57.31 31.36 -22.18
N LYS F 212 -56.60 32.48 -22.38
CA LYS F 212 -57.05 33.53 -23.29
C LYS F 212 -56.50 33.34 -24.70
N HIS F 213 -55.52 32.46 -24.90
CA HIS F 213 -54.82 32.35 -26.16
C HIS F 213 -54.72 30.90 -26.59
N LYS F 214 -54.33 30.70 -27.85
CA LYS F 214 -54.35 29.37 -28.45
C LYS F 214 -52.96 28.83 -28.74
N VAL F 215 -52.14 29.58 -29.48
CA VAL F 215 -50.86 29.08 -29.99
C VAL F 215 -49.74 29.51 -29.07
N TYR F 216 -48.99 28.53 -28.56
CA TYR F 216 -47.85 28.77 -27.70
C TYR F 216 -46.62 28.27 -28.40
N ALA F 217 -45.60 29.11 -28.48
CA ALA F 217 -44.42 28.74 -29.26
C ALA F 217 -43.19 29.33 -28.63
N CYS F 218 -42.09 28.56 -28.63
CA CYS F 218 -40.76 29.11 -28.38
C CYS F 218 -39.97 29.04 -29.66
N GLU F 219 -39.30 30.14 -29.98
CA GLU F 219 -38.52 30.30 -31.21
C GLU F 219 -37.07 30.44 -30.77
N VAL F 220 -36.22 29.53 -31.25
CA VAL F 220 -34.83 29.39 -30.83
C VAL F 220 -33.91 29.84 -31.97
N THR F 221 -32.91 30.67 -31.64
CA THR F 221 -31.82 30.97 -32.57
C THR F 221 -30.48 30.63 -31.91
N HIS F 222 -29.61 29.98 -32.66
CA HIS F 222 -28.34 29.44 -32.18
C HIS F 222 -27.39 29.29 -33.36
N GLN F 223 -26.09 29.18 -33.07
CA GLN F 223 -25.07 29.26 -34.12
C GLN F 223 -25.22 28.17 -35.18
N GLY F 224 -25.59 26.96 -34.76
CA GLY F 224 -25.71 25.86 -35.70
C GLY F 224 -27.10 25.70 -36.27
N LEU F 225 -27.88 26.77 -36.24
CA LEU F 225 -29.21 26.80 -36.81
C LEU F 225 -29.20 27.83 -37.92
N SER F 226 -29.52 27.38 -39.14
CA SER F 226 -29.54 28.29 -40.27
C SER F 226 -30.61 29.36 -40.10
N SER F 227 -31.80 28.95 -40.00
CA SER F 227 -33.01 29.69 -39.68
C SER F 227 -33.48 29.39 -38.25
N PRO F 228 -34.14 30.32 -37.59
CA PRO F 228 -34.69 30.02 -36.26
C PRO F 228 -35.69 28.86 -36.29
N VAL F 229 -35.74 28.16 -35.17
CA VAL F 229 -36.59 27.00 -35.00
C VAL F 229 -37.70 27.38 -34.03
N THR F 230 -38.95 27.06 -34.37
CA THR F 230 -40.02 27.28 -33.41
C THR F 230 -40.73 25.95 -33.19
N LYS F 231 -40.89 25.58 -31.93
CA LYS F 231 -41.69 24.43 -31.52
C LYS F 231 -42.95 24.96 -30.86
N SER F 232 -44.12 24.51 -31.31
CA SER F 232 -45.36 25.08 -30.79
C SER F 232 -46.40 24.01 -30.48
N PHE F 233 -47.49 24.46 -29.85
CA PHE F 233 -48.67 23.63 -29.71
C PHE F 233 -49.89 24.54 -29.64
N ASN F 234 -51.04 23.97 -29.96
CA ASN F 234 -52.33 24.63 -29.77
C ASN F 234 -52.93 24.14 -28.46
N ARG F 235 -53.63 25.05 -27.76
CA ARG F 235 -53.92 24.84 -26.34
C ARG F 235 -54.64 23.53 -26.07
N GLY F 236 -55.85 23.36 -26.62
CA GLY F 236 -56.57 22.14 -26.30
C GLY F 236 -56.41 20.98 -27.27
N GLU F 237 -55.18 20.59 -27.60
CA GLU F 237 -54.98 19.51 -28.57
C GLU F 237 -53.89 18.51 -28.15
#